data_5O9A
#
_entry.id   5O9A
#
_cell.length_a   47.308
_cell.length_b   98.408
_cell.length_c   121.787
_cell.angle_alpha   90.000
_cell.angle_beta   90.530
_cell.angle_gamma   90.000
#
_symmetry.space_group_name_H-M   'P 1 21 1'
#
loop_
_entity.id
_entity.type
_entity.pdbx_description
1 polymer 'Glutamate receptor 2,Glutamate receptor 2'
2 non-polymer 'SULFATE ION'
3 non-polymer '7-chloro-4-(2-fluoroethyl)-2,3-dihydro-1,2,4-benzothiadiazine 1,1-dioxide'
4 non-polymer 'CHLORIDE ION'
5 non-polymer GLYCEROL
6 non-polymer 'GLUTAMIC ACID'
7 non-polymer 1,2-ETHANEDIOL
8 non-polymer 'CITRIC ACID'
9 non-polymer DI(HYDROXYETHYL)ETHER
10 water water
#
_entity_poly.entity_id   1
_entity_poly.type   'polypeptide(L)'
_entity_poly.pdbx_seq_one_letter_code
;GANKTVVVTTILESPYVMMKKNHEMLEGNERYEGYCVDLAAEIAKHCGFKYKLTIVGDGKYGARDADTKIWNGMVGELVY
GKADIAIAPLTITYVREEVIDFSKPFMSLGISIMIKKGTPIESAEDLSKQTEIAYGTLDSGSTKEFFRRSKIAVFDKMWT
YMRSAEPSVFVRTTAEGVARVRKSKGKYAYLLESTMNEYIEQRKPCDTMKVGGNLDSKGYGIATPKGSSLGNAVNLAVLK
LSEQGLLDKLKNKWWYDKGECGSG
;
_entity_poly.pdbx_strand_id   A,B,C,D
#
loop_
_chem_comp.id
_chem_comp.type
_chem_comp.name
_chem_comp.formula
7M6 non-polymer '7-chloro-4-(2-fluoroethyl)-2,3-dihydro-1,2,4-benzothiadiazine 1,1-dioxide' 'C9 H10 Cl F N2 O2 S'
CIT non-polymer 'CITRIC ACID' 'C6 H8 O7'
CL non-polymer 'CHLORIDE ION' 'Cl -1'
EDO non-polymer 1,2-ETHANEDIOL 'C2 H6 O2'
GOL non-polymer GLYCEROL 'C3 H8 O3'
PEG non-polymer DI(HYDROXYETHYL)ETHER 'C4 H10 O3'
SO4 non-polymer 'SULFATE ION' 'O4 S -2'
#
# COMPACT_ATOMS: atom_id res chain seq x y z
N GLY A 1 49.14 -32.05 5.31
CA GLY A 1 50.07 -32.89 6.11
C GLY A 1 49.34 -33.76 7.11
N ALA A 2 50.10 -34.32 8.05
CA ALA A 2 49.53 -35.22 9.04
C ALA A 2 48.52 -34.49 9.92
N ASN A 3 47.55 -35.24 10.43
CA ASN A 3 46.61 -34.66 11.40
C ASN A 3 47.39 -34.05 12.55
N LYS A 4 46.92 -32.91 13.01
CA LYS A 4 47.52 -32.20 14.14
C LYS A 4 46.43 -31.92 15.15
N THR A 5 46.81 -31.87 16.42
CA THR A 5 45.86 -31.54 17.47
C THR A 5 45.35 -30.11 17.27
N VAL A 6 44.04 -29.98 17.22
CA VAL A 6 43.37 -28.70 17.05
C VAL A 6 43.40 -27.92 18.36
N VAL A 7 43.87 -26.68 18.30
CA VAL A 7 43.91 -25.81 19.48
C VAL A 7 42.57 -25.09 19.58
N VAL A 8 41.85 -25.35 20.65
CA VAL A 8 40.55 -24.74 20.92
C VAL A 8 40.74 -23.63 21.93
N THR A 9 40.41 -22.39 21.56
CA THR A 9 40.35 -21.32 22.53
C THR A 9 38.95 -21.28 23.12
N THR A 10 38.87 -21.08 24.43
CA THR A 10 37.60 -20.99 25.13
C THR A 10 37.85 -20.12 26.35
N ILE A 11 36.82 -19.99 27.20
CA ILE A 11 36.85 -19.00 28.28
C ILE A 11 36.19 -19.61 29.50
N LEU A 12 36.72 -19.31 30.68
CA LEU A 12 36.15 -19.82 31.93
C LEU A 12 34.94 -18.99 32.25
N GLU A 13 33.78 -19.52 31.87
CA GLU A 13 32.49 -18.84 32.02
C GLU A 13 31.49 -19.95 32.34
N SER A 14 30.88 -19.89 33.51
CA SER A 14 29.97 -20.94 33.92
C SER A 14 28.64 -20.78 33.20
N PRO A 15 28.00 -21.89 32.79
CA PRO A 15 28.40 -23.30 32.92
C PRO A 15 29.03 -23.83 31.65
N TYR A 16 29.57 -22.92 30.82
CA TYR A 16 30.15 -23.32 29.54
CA TYR A 16 30.14 -23.35 29.55
C TYR A 16 31.45 -24.07 29.75
N VAL A 17 32.37 -23.48 30.51
CA VAL A 17 33.65 -24.11 30.86
C VAL A 17 33.91 -23.77 32.32
N MET A 18 34.11 -24.79 33.14
CA MET A 18 34.33 -24.62 34.57
C MET A 18 35.45 -25.56 35.00
N MET A 19 36.16 -25.17 36.05
CA MET A 19 37.18 -26.05 36.62
C MET A 19 36.50 -27.22 37.30
N LYS A 20 36.87 -28.43 36.89
CA LYS A 20 36.37 -29.64 37.51
C LYS A 20 36.89 -29.75 38.94
N LYS A 21 36.12 -30.40 39.81
CA LYS A 21 36.68 -30.85 41.07
C LYS A 21 37.86 -31.76 40.78
N ASN A 22 38.93 -31.57 41.55
CA ASN A 22 40.20 -32.28 41.43
C ASN A 22 41.07 -31.72 40.32
N HIS A 23 40.68 -30.61 39.69
CA HIS A 23 41.48 -30.04 38.59
C HIS A 23 42.94 -29.89 38.98
N GLU A 24 43.23 -29.69 40.26
CA GLU A 24 44.59 -29.42 40.68
C GLU A 24 45.54 -30.57 40.37
N MET A 25 45.02 -31.80 40.23
CA MET A 25 45.84 -32.96 39.89
CA MET A 25 45.85 -32.95 39.90
C MET A 25 45.53 -33.51 38.51
N LEU A 26 44.74 -32.80 37.72
CA LEU A 26 44.36 -33.22 36.38
C LEU A 26 45.12 -32.41 35.33
N GLU A 27 45.21 -32.96 34.13
CA GLU A 27 45.97 -32.34 33.05
C GLU A 27 45.11 -32.28 31.79
N GLY A 28 45.41 -31.30 30.96
CA GLY A 28 44.75 -31.20 29.67
C GLY A 28 43.25 -31.00 29.81
N ASN A 29 42.52 -31.60 28.87
CA ASN A 29 41.09 -31.38 28.79
C ASN A 29 40.36 -31.87 30.03
N GLU A 30 40.95 -32.81 30.76
CA GLU A 30 40.29 -33.37 31.94
C GLU A 30 40.15 -32.35 33.07
N ARG A 31 40.83 -31.22 32.99
CA ARG A 31 40.69 -30.19 34.01
C ARG A 31 39.32 -29.51 33.99
N TYR A 32 38.59 -29.60 32.88
CA TYR A 32 37.44 -28.74 32.63
C TYR A 32 36.17 -29.56 32.45
N GLU A 33 35.04 -28.92 32.77
CA GLU A 33 33.73 -29.48 32.51
C GLU A 33 32.78 -28.36 32.13
N GLY A 34 31.70 -28.73 31.47
CA GLY A 34 30.65 -27.78 31.12
C GLY A 34 30.05 -27.99 29.75
N TYR A 35 29.12 -27.09 29.41
CA TYR A 35 28.41 -27.16 28.14
C TYR A 35 29.37 -27.17 26.95
N CYS A 36 30.29 -26.22 26.90
CA CYS A 36 31.19 -26.12 25.76
C CYS A 36 32.25 -27.21 25.77
N VAL A 37 32.58 -27.75 26.95
CA VAL A 37 33.46 -28.91 27.00
C VAL A 37 32.77 -30.11 26.35
N ASP A 38 31.52 -30.36 26.71
CA ASP A 38 30.74 -31.40 26.06
C ASP A 38 30.55 -31.12 24.57
N LEU A 39 30.26 -29.87 24.21
CA LEU A 39 30.05 -29.55 22.80
C LEU A 39 31.32 -29.77 22.00
N ALA A 40 32.48 -29.39 22.57
CA ALA A 40 33.74 -29.61 21.87
C ALA A 40 33.97 -31.09 21.58
N ALA A 41 33.70 -31.95 22.56
CA ALA A 41 33.85 -33.39 22.33
C ALA A 41 32.91 -33.88 21.23
N GLU A 42 31.66 -33.39 21.22
CA GLU A 42 30.71 -33.80 20.19
C GLU A 42 31.16 -33.35 18.81
N ILE A 43 31.57 -32.09 18.70
CA ILE A 43 32.02 -31.55 17.41
CA ILE A 43 32.01 -31.56 17.41
C ILE A 43 33.24 -32.30 16.92
N ALA A 44 34.22 -32.53 17.82
CA ALA A 44 35.44 -33.25 17.45
C ALA A 44 35.13 -34.66 16.99
N LYS A 45 34.17 -35.32 17.65
CA LYS A 45 33.80 -36.68 17.26
C LYS A 45 33.20 -36.69 15.86
N HIS A 46 32.25 -35.79 15.60
CA HIS A 46 31.61 -35.76 14.30
C HIS A 46 32.59 -35.37 13.20
N CYS A 47 33.53 -34.47 13.51
CA CYS A 47 34.49 -34.01 12.51
C CYS A 47 35.78 -34.83 12.47
N GLY A 48 36.01 -35.67 13.45
CA GLY A 48 37.17 -36.54 13.45
C GLY A 48 38.50 -35.83 13.66
N PHE A 49 38.59 -34.99 14.68
CA PHE A 49 39.86 -34.40 15.05
C PHE A 49 40.09 -34.55 16.55
N LYS A 50 41.36 -34.49 16.92
CA LYS A 50 41.78 -34.38 18.32
C LYS A 50 42.05 -32.92 18.64
N TYR A 51 41.89 -32.57 19.91
CA TYR A 51 41.90 -31.15 20.26
C TYR A 51 42.44 -30.96 21.68
N LYS A 52 42.91 -29.74 21.93
CA LYS A 52 43.38 -29.29 23.22
C LYS A 52 42.62 -28.02 23.59
N LEU A 53 41.89 -28.05 24.70
CA LEU A 53 41.20 -26.88 25.20
C LEU A 53 42.21 -25.94 25.86
N THR A 54 42.18 -24.66 25.48
CA THR A 54 43.11 -23.67 26.01
CA THR A 54 43.12 -23.67 26.01
C THR A 54 42.34 -22.43 26.44
N ILE A 55 42.36 -22.13 27.74
CA ILE A 55 41.66 -20.95 28.22
C ILE A 55 42.34 -19.70 27.70
N VAL A 56 41.55 -18.80 27.09
CA VAL A 56 42.10 -17.57 26.53
C VAL A 56 42.89 -16.82 27.58
N GLY A 57 44.11 -16.41 27.22
CA GLY A 57 45.05 -15.88 28.19
C GLY A 57 44.55 -14.63 28.90
N ASP A 58 43.93 -13.71 28.17
CA ASP A 58 43.52 -12.45 28.78
C ASP A 58 42.10 -12.51 29.33
N GLY A 59 41.43 -13.65 29.22
CA GLY A 59 40.12 -13.83 29.82
C GLY A 59 39.02 -13.01 29.18
N LYS A 60 39.19 -12.59 27.93
CA LYS A 60 38.24 -11.72 27.28
CA LYS A 60 38.26 -11.71 27.25
C LYS A 60 37.63 -12.41 26.06
N TYR A 61 36.42 -11.96 25.71
CA TYR A 61 35.73 -12.49 24.54
C TYR A 61 36.35 -11.97 23.25
N GLY A 62 36.43 -10.65 23.09
CA GLY A 62 37.09 -10.11 21.93
C GLY A 62 36.58 -8.75 21.51
N ALA A 63 37.48 -7.77 21.52
CA ALA A 63 37.18 -6.43 21.03
C ALA A 63 38.41 -5.91 20.31
N ARG A 64 38.18 -4.97 19.39
CA ARG A 64 39.24 -4.37 18.60
C ARG A 64 39.54 -3.00 19.19
N ASP A 65 40.80 -2.77 19.54
CA ASP A 65 41.21 -1.46 20.04
C ASP A 65 41.04 -0.42 18.94
N ALA A 66 40.40 0.70 19.28
CA ALA A 66 40.09 1.71 18.27
C ALA A 66 41.34 2.34 17.67
N ASP A 67 42.42 2.44 18.46
CA ASP A 67 43.64 3.10 18.00
C ASP A 67 44.61 2.14 17.33
N THR A 68 45.00 1.07 18.04
CA THR A 68 45.93 0.10 17.47
C THR A 68 45.27 -0.84 16.48
N LYS A 69 43.95 -0.96 16.52
CA LYS A 69 43.18 -1.88 15.69
C LYS A 69 43.47 -3.34 16.02
N ILE A 70 44.08 -3.60 17.18
CA ILE A 70 44.43 -4.96 17.57
C ILE A 70 43.26 -5.62 18.28
N TRP A 71 42.98 -6.87 17.91
CA TRP A 71 41.95 -7.67 18.55
C TRP A 71 42.49 -8.36 19.80
N ASN A 72 41.70 -8.36 20.86
CA ASN A 72 42.05 -9.11 22.05
C ASN A 72 41.12 -10.31 22.20
N GLY A 73 41.24 -11.00 23.32
CA GLY A 73 40.34 -12.09 23.62
C GLY A 73 40.44 -13.27 22.67
N MET A 74 39.37 -14.07 22.68
CA MET A 74 39.31 -15.24 21.83
C MET A 74 39.34 -14.85 20.36
N VAL A 75 38.68 -13.73 20.00
CA VAL A 75 38.74 -13.28 18.61
C VAL A 75 40.19 -13.07 18.20
N GLY A 76 40.96 -12.40 19.06
CA GLY A 76 42.36 -12.20 18.76
C GLY A 76 43.13 -13.49 18.61
N GLU A 77 42.82 -14.49 19.46
CA GLU A 77 43.52 -15.76 19.34
C GLU A 77 43.33 -16.39 17.97
N LEU A 78 42.13 -16.24 17.39
CA LEU A 78 41.85 -16.74 16.05
C LEU A 78 42.53 -15.86 15.00
N VAL A 79 42.38 -14.53 15.13
CA VAL A 79 42.87 -13.60 14.13
C VAL A 79 44.39 -13.73 13.98
N TYR A 80 45.11 -13.92 15.07
CA TYR A 80 46.56 -13.94 15.06
C TYR A 80 47.14 -15.34 15.05
N GLY A 81 46.32 -16.36 14.85
CA GLY A 81 46.83 -17.68 14.59
C GLY A 81 47.23 -18.46 15.82
N LYS A 82 46.79 -18.02 17.00
CA LYS A 82 47.13 -18.70 18.24
C LYS A 82 46.23 -19.89 18.53
N ALA A 83 45.03 -19.91 17.96
CA ALA A 83 44.09 -21.02 18.14
C ALA A 83 43.46 -21.34 16.79
N ASP A 84 43.01 -22.58 16.65
CA ASP A 84 42.41 -23.06 15.42
C ASP A 84 40.90 -22.90 15.39
N ILE A 85 40.27 -22.82 16.55
CA ILE A 85 38.82 -22.78 16.65
C ILE A 85 38.48 -22.27 18.04
N ALA A 86 37.33 -21.59 18.14
CA ALA A 86 36.80 -21.11 19.42
C ALA A 86 35.49 -21.83 19.67
N ILE A 87 35.41 -22.54 20.79
CA ILE A 87 34.19 -23.23 21.19
C ILE A 87 33.85 -22.65 22.54
N ALA A 88 32.93 -21.68 22.54
CA ALA A 88 32.68 -20.80 23.66
C ALA A 88 31.39 -20.03 23.42
N PRO A 89 30.84 -19.36 24.44
CA PRO A 89 29.67 -18.48 24.22
C PRO A 89 30.09 -17.19 23.54
N LEU A 90 30.53 -17.32 22.29
CA LEU A 90 31.05 -16.21 21.50
C LEU A 90 29.95 -15.72 20.57
N THR A 91 29.52 -14.49 20.77
CA THR A 91 28.37 -13.94 20.06
C THR A 91 28.72 -13.56 18.62
N ILE A 92 27.83 -13.98 17.71
CA ILE A 92 27.92 -13.59 16.30
C ILE A 92 27.63 -12.10 16.20
N THR A 93 28.58 -11.35 15.64
CA THR A 93 28.39 -9.92 15.41
C THR A 93 28.93 -9.56 14.04
N TYR A 94 28.45 -8.42 13.54
CA TYR A 94 28.89 -7.93 12.25
C TYR A 94 30.40 -7.70 12.20
N VAL A 95 30.95 -6.99 13.18
CA VAL A 95 32.37 -6.64 13.10
C VAL A 95 33.23 -7.89 13.25
N ARG A 96 32.78 -8.87 14.03
CA ARG A 96 33.53 -10.11 14.14
C ARG A 96 33.41 -10.95 12.87
N GLU A 97 32.21 -11.01 12.27
CA GLU A 97 32.01 -11.76 11.04
C GLU A 97 32.93 -11.25 9.93
N GLU A 98 33.31 -9.99 10.00
CA GLU A 98 34.21 -9.46 8.98
C GLU A 98 35.60 -10.06 9.06
N VAL A 99 36.03 -10.52 10.24
CA VAL A 99 37.41 -10.94 10.43
C VAL A 99 37.57 -12.43 10.77
N ILE A 100 36.53 -13.12 11.23
CA ILE A 100 36.58 -14.56 11.48
C ILE A 100 35.34 -15.21 10.87
N ASP A 101 35.36 -16.54 10.79
CA ASP A 101 34.22 -17.32 10.34
C ASP A 101 33.41 -17.81 11.53
N PHE A 102 32.09 -17.83 11.37
CA PHE A 102 31.17 -18.36 12.38
C PHE A 102 30.33 -19.48 11.80
N SER A 103 30.16 -20.55 12.57
CA SER A 103 29.14 -21.54 12.25
C SER A 103 27.76 -20.92 12.40
N LYS A 104 26.76 -21.61 11.86
CA LYS A 104 25.38 -21.32 12.24
C LYS A 104 25.29 -21.39 13.77
N PRO A 105 24.36 -20.66 14.39
CA PRO A 105 24.36 -20.57 15.85
C PRO A 105 24.03 -21.90 16.53
N PHE A 106 24.68 -22.16 17.66
CA PHE A 106 24.38 -23.34 18.47
C PHE A 106 23.54 -23.02 19.70
N MET A 107 23.34 -21.74 20.01
CA MET A 107 22.50 -21.31 21.12
C MET A 107 22.02 -19.89 20.86
N SER A 108 20.77 -19.62 21.20
CA SER A 108 20.17 -18.30 21.07
CA SER A 108 20.20 -18.30 21.06
C SER A 108 20.30 -17.52 22.37
N LEU A 109 20.38 -16.19 22.24
CA LEU A 109 20.38 -15.32 23.41
C LEU A 109 20.00 -13.91 22.99
N GLY A 110 19.67 -13.10 23.99
CA GLY A 110 19.56 -11.67 23.81
C GLY A 110 20.07 -10.98 25.06
N ILE A 111 20.45 -9.71 24.90
CA ILE A 111 20.82 -8.91 26.06
C ILE A 111 19.62 -8.79 26.99
N SER A 112 19.88 -8.89 28.29
CA SER A 112 18.82 -8.91 29.29
C SER A 112 19.28 -8.17 30.53
N ILE A 113 18.35 -7.99 31.46
CA ILE A 113 18.58 -7.26 32.71
C ILE A 113 18.55 -8.26 33.85
N MET A 114 19.59 -8.23 34.68
CA MET A 114 19.64 -8.97 35.92
C MET A 114 19.48 -8.00 37.09
N ILE A 115 18.54 -8.29 37.97
CA ILE A 115 18.32 -7.49 39.17
C ILE A 115 18.40 -8.38 40.40
N LYS A 116 18.72 -7.75 41.52
CA LYS A 116 18.49 -8.35 42.83
CA LYS A 116 18.48 -8.38 42.81
C LYS A 116 16.98 -8.40 43.05
N LYS A 117 16.49 -9.54 43.53
CA LYS A 117 15.06 -9.69 43.69
C LYS A 117 14.47 -8.52 44.48
N GLY A 118 13.38 -7.97 43.98
CA GLY A 118 12.70 -6.87 44.63
C GLY A 118 13.09 -5.50 44.13
N THR A 119 14.11 -5.41 43.28
CA THR A 119 14.51 -4.14 42.71
C THR A 119 13.36 -3.59 41.86
N PRO A 120 12.97 -2.32 42.02
CA PRO A 120 11.84 -1.77 41.25
C PRO A 120 12.23 -1.36 39.84
N ILE A 121 12.55 -2.36 39.04
CA ILE A 121 12.93 -2.18 37.64
C ILE A 121 12.27 -3.30 36.85
N GLU A 122 11.58 -2.95 35.77
CA GLU A 122 10.95 -3.92 34.91
C GLU A 122 11.46 -3.89 33.48
N SER A 123 12.27 -2.90 33.10
CA SER A 123 12.61 -2.71 31.69
C SER A 123 13.84 -1.84 31.57
N ALA A 124 14.44 -1.87 30.37
CA ALA A 124 15.51 -0.94 30.06
C ALA A 124 15.04 0.50 30.12
N GLU A 125 13.82 0.76 29.65
CA GLU A 125 13.29 2.11 29.76
C GLU A 125 13.25 2.56 31.21
N ASP A 126 12.84 1.67 32.12
CA ASP A 126 12.87 1.99 33.55
C ASP A 126 14.27 2.39 34.00
N LEU A 127 15.28 1.59 33.65
CA LEU A 127 16.65 1.93 34.05
C LEU A 127 17.04 3.30 33.52
N SER A 128 16.70 3.59 32.27
CA SER A 128 17.17 4.81 31.63
C SER A 128 16.54 6.06 32.22
N LYS A 129 15.40 5.93 32.91
CA LYS A 129 14.66 7.08 33.40
C LYS A 129 14.91 7.39 34.86
N GLN A 130 15.90 6.76 35.48
CA GLN A 130 16.22 6.99 36.89
C GLN A 130 17.72 6.95 37.08
N THR A 131 18.16 7.32 38.29
CA THR A 131 19.58 7.40 38.61
C THR A 131 19.98 6.72 39.90
N GLU A 132 19.02 6.34 40.76
CA GLU A 132 19.38 5.70 42.03
C GLU A 132 20.05 4.35 41.81
N ILE A 133 19.62 3.62 40.78
CA ILE A 133 20.14 2.28 40.50
C ILE A 133 21.14 2.39 39.36
N ALA A 134 22.40 2.09 39.65
CA ALA A 134 23.43 2.05 38.63
C ALA A 134 23.29 0.76 37.82
N TYR A 135 23.90 0.77 36.64
CA TYR A 135 23.86 -0.41 35.78
C TYR A 135 25.03 -0.36 34.80
N GLY A 136 25.50 -1.54 34.41
CA GLY A 136 26.65 -1.65 33.53
C GLY A 136 26.68 -2.99 32.83
N THR A 137 27.81 -3.24 32.16
CA THR A 137 27.98 -4.42 31.32
C THR A 137 29.39 -5.00 31.53
N LEU A 138 29.59 -6.16 30.92
CA LEU A 138 30.91 -6.75 30.81
C LEU A 138 31.79 -5.96 29.85
N ASP A 139 33.09 -5.87 30.18
CA ASP A 139 34.09 -5.29 29.28
C ASP A 139 34.41 -6.24 28.13
N SER A 140 34.81 -5.64 26.99
CA SER A 140 35.46 -6.36 25.90
C SER A 140 34.55 -7.40 25.25
N GLY A 141 33.24 -7.14 25.25
CA GLY A 141 32.29 -8.08 24.72
C GLY A 141 31.22 -7.40 23.88
N SER A 142 30.30 -8.22 23.40
CA SER A 142 29.29 -7.75 22.45
C SER A 142 28.22 -6.90 23.14
N THR A 143 27.97 -7.11 24.42
CA THR A 143 26.95 -6.30 25.09
C THR A 143 27.39 -4.85 25.18
N LYS A 144 28.63 -4.61 25.61
CA LYS A 144 29.13 -3.24 25.66
C LYS A 144 29.10 -2.59 24.28
N GLU A 145 29.54 -3.31 23.25
CA GLU A 145 29.53 -2.76 21.90
C GLU A 145 28.10 -2.45 21.43
N PHE A 146 27.12 -3.27 21.84
CA PHE A 146 25.73 -3.01 21.50
C PHE A 146 25.31 -1.62 21.96
N PHE A 147 25.55 -1.30 23.23
CA PHE A 147 25.16 0.01 23.73
C PHE A 147 25.99 1.12 23.11
N ARG A 148 27.30 0.90 22.95
CA ARG A 148 28.14 1.92 22.35
C ARG A 148 27.68 2.30 20.95
N ARG A 149 27.14 1.34 20.20
CA ARG A 149 26.79 1.58 18.80
C ARG A 149 25.33 1.90 18.59
N SER A 150 24.48 1.74 19.60
CA SER A 150 23.05 1.81 19.36
C SER A 150 22.63 3.22 18.97
N LYS A 151 21.74 3.30 18.00
CA LYS A 151 21.06 4.53 17.63
C LYS A 151 19.67 4.63 18.27
N ILE A 152 19.24 3.60 18.97
CA ILE A 152 17.92 3.61 19.61
C ILE A 152 18.00 4.48 20.86
N ALA A 153 17.01 5.38 21.00
CA ALA A 153 17.09 6.45 21.99
C ALA A 153 17.36 5.91 23.40
N VAL A 154 16.59 4.91 23.83
CA VAL A 154 16.73 4.41 25.19
CA VAL A 154 16.73 4.41 25.19
C VAL A 154 18.13 3.83 25.41
N PHE A 155 18.64 3.09 24.44
CA PHE A 155 19.96 2.46 24.61
C PHE A 155 21.07 3.49 24.50
N ASP A 156 20.92 4.47 23.63
CA ASP A 156 21.90 5.57 23.57
C ASP A 156 21.92 6.35 24.88
N LYS A 157 20.74 6.58 25.46
CA LYS A 157 20.68 7.25 26.76
C LYS A 157 21.39 6.40 27.81
N MET A 158 21.17 5.10 27.79
CA MET A 158 21.85 4.21 28.72
C MET A 158 23.37 4.23 28.52
N TRP A 159 23.81 4.19 27.26
CA TRP A 159 25.25 4.23 26.99
C TRP A 159 25.87 5.54 27.48
N THR A 160 25.21 6.66 27.18
CA THR A 160 25.73 7.96 27.59
C THR A 160 25.94 8.01 29.10
N TYR A 161 25.03 7.38 29.85
CA TYR A 161 25.22 7.29 31.30
C TYR A 161 26.35 6.34 31.65
N MET A 162 26.34 5.13 31.09
CA MET A 162 27.29 4.10 31.52
C MET A 162 28.72 4.52 31.22
N ARG A 163 28.96 5.13 30.05
CA ARG A 163 30.32 5.41 29.64
C ARG A 163 31.00 6.40 30.58
N SER A 164 30.23 7.25 31.26
CA SER A 164 30.78 8.28 32.12
CA SER A 164 30.79 8.28 32.11
C SER A 164 30.51 8.04 33.60
N ALA A 165 29.86 6.95 33.96
CA ALA A 165 29.50 6.73 35.36
C ALA A 165 30.76 6.54 36.21
N GLU A 166 30.71 7.07 37.42
CA GLU A 166 31.81 6.97 38.38
C GLU A 166 31.23 6.54 39.74
N PRO A 167 31.79 5.50 40.36
CA PRO A 167 32.85 4.61 39.85
C PRO A 167 32.35 3.80 38.67
N SER A 168 33.28 3.18 37.95
CA SER A 168 32.94 2.43 36.74
C SER A 168 31.82 1.44 37.01
N VAL A 169 30.86 1.37 36.09
CA VAL A 169 29.82 0.35 36.13
C VAL A 169 30.21 -0.91 35.36
N PHE A 170 31.36 -0.92 34.71
CA PHE A 170 31.75 -2.07 33.90
C PHE A 170 32.56 -3.06 34.72
N VAL A 171 32.40 -4.35 34.39
CA VAL A 171 33.06 -5.41 35.14
C VAL A 171 33.90 -6.24 34.18
N ARG A 172 34.91 -6.90 34.74
CA ARG A 172 35.83 -7.68 33.92
C ARG A 172 35.36 -9.10 33.68
N THR A 173 34.51 -9.64 34.56
CA THR A 173 33.97 -10.98 34.41
C THR A 173 32.49 -10.97 34.79
N THR A 174 31.76 -11.98 34.31
CA THR A 174 30.37 -12.13 34.69
C THR A 174 30.23 -12.29 36.19
N ALA A 175 31.14 -13.03 36.83
CA ALA A 175 31.05 -13.25 38.27
C ALA A 175 31.11 -11.95 39.04
N GLU A 176 31.94 -11.01 38.58
CA GLU A 176 32.03 -9.70 39.23
C GLU A 176 30.71 -8.95 39.11
N GLY A 177 30.07 -9.03 37.93
CA GLY A 177 28.76 -8.43 37.76
C GLY A 177 27.72 -9.02 38.69
N VAL A 178 27.70 -10.35 38.80
CA VAL A 178 26.76 -11.02 39.70
C VAL A 178 26.99 -10.59 41.13
N ALA A 179 28.26 -10.60 41.57
CA ALA A 179 28.56 -10.19 42.93
C ALA A 179 28.10 -8.76 43.18
N ARG A 180 28.27 -7.89 42.19
CA ARG A 180 27.87 -6.50 42.37
C ARG A 180 26.36 -6.38 42.51
N VAL A 181 25.60 -7.16 41.73
CA VAL A 181 24.14 -7.20 41.92
C VAL A 181 23.81 -7.68 43.33
N ARG A 182 24.40 -8.80 43.73
CA ARG A 182 24.02 -9.41 44.99
C ARG A 182 24.40 -8.56 46.19
N LYS A 183 25.49 -7.79 46.11
CA LYS A 183 25.98 -7.04 47.25
C LYS A 183 25.51 -5.59 47.28
N SER A 184 24.81 -5.11 46.26
CA SER A 184 24.50 -3.69 46.18
C SER A 184 23.11 -3.33 46.68
N LYS A 185 22.41 -4.26 47.34
CA LYS A 185 21.14 -3.97 48.00
C LYS A 185 20.14 -3.35 47.03
N GLY A 186 20.19 -3.80 45.79
CA GLY A 186 19.26 -3.35 44.78
C GLY A 186 19.67 -2.10 44.04
N LYS A 187 20.87 -1.57 44.30
CA LYS A 187 21.30 -0.34 43.66
C LYS A 187 22.23 -0.56 42.48
N TYR A 188 22.38 -1.81 42.03
CA TYR A 188 23.10 -2.13 40.80
C TYR A 188 22.31 -3.18 40.04
N ALA A 189 22.12 -2.94 38.74
CA ALA A 189 21.54 -3.91 37.82
C ALA A 189 22.57 -4.21 36.75
N TYR A 190 22.60 -5.46 36.30
CA TYR A 190 23.65 -5.92 35.40
C TYR A 190 23.03 -6.31 34.06
N LEU A 191 23.59 -5.75 32.98
CA LEU A 191 23.15 -6.07 31.62
C LEU A 191 24.03 -7.17 31.09
N LEU A 192 23.42 -8.33 30.82
CA LEU A 192 24.17 -9.50 30.38
C LEU A 192 23.27 -10.37 29.53
N GLU A 193 23.87 -11.37 28.91
CA GLU A 193 23.14 -12.19 27.95
C GLU A 193 22.18 -13.12 28.69
N SER A 194 21.01 -13.33 28.08
CA SER A 194 19.91 -14.04 28.73
C SER A 194 20.32 -15.43 29.17
N THR A 195 21.17 -16.08 28.38
CA THR A 195 21.72 -17.39 28.73
C THR A 195 22.40 -17.37 30.09
N MET A 196 23.32 -16.42 30.28
CA MET A 196 24.02 -16.33 31.56
CA MET A 196 24.02 -16.35 31.56
C MET A 196 23.07 -15.93 32.68
N ASN A 197 22.18 -14.99 32.39
CA ASN A 197 21.18 -14.55 33.35
C ASN A 197 20.35 -15.72 33.86
N GLU A 198 19.82 -16.53 32.93
CA GLU A 198 18.98 -17.67 33.31
C GLU A 198 19.76 -18.73 34.07
N TYR A 199 21.05 -18.90 33.75
CA TYR A 199 21.88 -19.81 34.55
C TYR A 199 22.01 -19.33 35.99
N ILE A 200 22.36 -18.05 36.17
CA ILE A 200 22.59 -17.53 37.52
C ILE A 200 21.31 -17.56 38.32
N GLU A 201 20.16 -17.38 37.66
CA GLU A 201 18.87 -17.44 38.32
CA GLU A 201 18.89 -17.42 38.36
C GLU A 201 18.65 -18.78 39.02
N GLN A 202 19.34 -19.83 38.56
CA GLN A 202 19.16 -21.15 39.14
CA GLN A 202 19.20 -21.17 39.08
C GLN A 202 20.30 -21.54 40.07
N ARG A 203 21.13 -20.58 40.49
CA ARG A 203 22.23 -20.86 41.40
C ARG A 203 21.95 -20.22 42.75
N LYS A 204 22.36 -20.87 43.83
CA LYS A 204 22.26 -20.28 45.14
C LYS A 204 23.04 -18.96 45.19
N PRO A 205 22.58 -18.01 46.01
CA PRO A 205 21.46 -18.08 46.95
C PRO A 205 20.11 -17.67 46.34
N CYS A 206 19.95 -17.82 45.02
CA CYS A 206 18.64 -17.65 44.38
C CYS A 206 18.08 -16.26 44.66
N ASP A 207 18.93 -15.23 44.54
CA ASP A 207 18.55 -13.87 44.91
C ASP A 207 18.56 -12.92 43.71
N THR A 208 18.70 -13.44 42.50
CA THR A 208 18.67 -12.63 41.29
C THR A 208 17.50 -13.06 40.41
N MET A 209 17.13 -12.18 39.48
CA MET A 209 16.13 -12.57 38.51
C MET A 209 16.32 -11.76 37.23
N LYS A 210 15.86 -12.35 36.15
CA LYS A 210 15.82 -11.71 34.85
C LYS A 210 14.48 -10.99 34.69
N VAL A 211 14.52 -9.70 34.35
CA VAL A 211 13.31 -8.90 34.21
C VAL A 211 13.25 -8.29 32.82
N GLY A 212 12.03 -8.15 32.31
CA GLY A 212 11.81 -7.54 31.02
C GLY A 212 12.07 -8.51 29.89
N GLY A 213 11.74 -8.06 28.70
CA GLY A 213 12.08 -8.81 27.52
C GLY A 213 13.55 -8.62 27.19
N ASN A 214 14.05 -9.44 26.28
CA ASN A 214 15.40 -9.24 25.78
C ASN A 214 15.47 -8.00 24.91
N LEU A 215 16.63 -7.36 24.91
CA LEU A 215 16.84 -6.12 24.17
C LEU A 215 17.20 -6.37 22.71
N ASP A 216 17.73 -7.54 22.41
CA ASP A 216 18.02 -7.92 21.03
C ASP A 216 17.93 -9.44 20.92
N SER A 217 18.20 -9.95 19.73
CA SER A 217 18.11 -11.38 19.45
C SER A 217 19.31 -11.77 18.60
N LYS A 218 20.11 -12.71 19.09
CA LYS A 218 21.27 -13.15 18.35
C LYS A 218 21.63 -14.56 18.83
N GLY A 219 22.87 -14.98 18.58
CA GLY A 219 23.28 -16.34 18.92
C GLY A 219 24.78 -16.47 19.05
N TYR A 220 25.18 -17.59 19.66
CA TYR A 220 26.58 -17.97 19.72
C TYR A 220 26.91 -18.87 18.54
N GLY A 221 28.11 -18.70 18.01
CA GLY A 221 28.58 -19.57 16.95
C GLY A 221 29.98 -20.08 17.24
N ILE A 222 30.28 -21.23 16.67
CA ILE A 222 31.65 -21.75 16.71
CA ILE A 222 31.64 -21.77 16.69
C ILE A 222 32.47 -21.00 15.67
N ALA A 223 33.59 -20.45 16.11
CA ALA A 223 34.37 -19.55 15.27
C ALA A 223 35.70 -20.17 14.86
N THR A 224 36.11 -19.87 13.64
CA THR A 224 37.36 -20.31 13.05
C THR A 224 38.00 -19.12 12.36
N PRO A 225 39.33 -19.17 12.13
CA PRO A 225 39.95 -18.10 11.35
C PRO A 225 39.37 -18.09 9.95
N LYS A 226 39.34 -16.92 9.35
CA LYS A 226 38.71 -16.75 8.05
C LYS A 226 39.32 -17.70 7.03
N GLY A 227 38.46 -18.46 6.36
CA GLY A 227 38.89 -19.38 5.34
C GLY A 227 39.41 -20.70 5.84
N SER A 228 39.33 -20.95 7.15
CA SER A 228 39.78 -22.24 7.67
C SER A 228 38.99 -23.37 7.03
N SER A 229 39.69 -24.44 6.67
CA SER A 229 39.04 -25.62 6.11
C SER A 229 38.20 -26.35 7.15
N LEU A 230 38.39 -26.07 8.44
CA LEU A 230 37.58 -26.71 9.47
CA LEU A 230 37.59 -26.71 9.47
C LEU A 230 36.16 -26.17 9.51
N GLY A 231 35.91 -25.00 8.94
CA GLY A 231 34.62 -24.34 9.11
C GLY A 231 33.44 -25.14 8.58
N ASN A 232 33.58 -25.72 7.38
CA ASN A 232 32.44 -26.41 6.77
CA ASN A 232 32.44 -26.41 6.77
C ASN A 232 31.97 -27.57 7.64
N ALA A 233 32.88 -28.44 8.04
CA ALA A 233 32.50 -29.62 8.81
C ALA A 233 31.90 -29.24 10.15
N VAL A 234 32.48 -28.25 10.82
CA VAL A 234 32.00 -27.83 12.13
C VAL A 234 30.59 -27.29 12.03
N ASN A 235 30.32 -26.54 10.96
CA ASN A 235 28.98 -25.99 10.74
C ASN A 235 27.93 -27.09 10.57
N LEU A 236 28.23 -28.08 9.73
CA LEU A 236 27.30 -29.19 9.56
C LEU A 236 27.13 -29.95 10.87
N ALA A 237 28.21 -30.08 11.66
CA ALA A 237 28.08 -30.78 12.94
C ALA A 237 27.12 -30.03 13.86
N VAL A 238 27.19 -28.70 13.88
CA VAL A 238 26.27 -27.92 14.69
C VAL A 238 24.83 -28.19 14.28
N LEU A 239 24.55 -28.13 12.98
CA LEU A 239 23.18 -28.37 12.52
C LEU A 239 22.73 -29.80 12.78
N LYS A 240 23.64 -30.77 12.67
CA LYS A 240 23.26 -32.15 12.94
CA LYS A 240 23.27 -32.16 12.94
C LYS A 240 22.93 -32.35 14.41
N LEU A 241 23.79 -31.84 15.29
CA LEU A 241 23.54 -31.94 16.73
C LEU A 241 22.25 -31.23 17.12
N SER A 242 21.99 -30.07 16.50
CA SER A 242 20.74 -29.37 16.75
C SER A 242 19.56 -30.23 16.36
N GLU A 243 19.59 -30.79 15.15
CA GLU A 243 18.43 -31.53 14.66
C GLU A 243 18.24 -32.82 15.43
N GLN A 244 19.32 -33.40 15.95
CA GLN A 244 19.20 -34.61 16.78
C GLN A 244 18.69 -34.30 18.17
N GLY A 245 18.55 -33.04 18.52
CA GLY A 245 18.10 -32.63 19.84
C GLY A 245 19.17 -32.63 20.91
N LEU A 246 20.43 -32.83 20.53
CA LEU A 246 21.51 -32.95 21.51
CA LEU A 246 21.46 -32.95 21.53
C LEU A 246 21.84 -31.60 22.14
N LEU A 247 21.71 -30.51 21.39
CA LEU A 247 22.01 -29.19 21.97
C LEU A 247 20.98 -28.84 23.04
N ASP A 248 19.71 -29.17 22.80
CA ASP A 248 18.68 -28.96 23.81
C ASP A 248 18.95 -29.78 25.07
N LYS A 249 19.33 -31.04 24.90
CA LYS A 249 19.68 -31.87 26.06
CA LYS A 249 19.68 -31.87 26.06
C LYS A 249 20.85 -31.28 26.82
N LEU A 250 21.86 -30.78 26.11
CA LEU A 250 23.02 -30.20 26.78
C LEU A 250 22.65 -28.96 27.57
N LYS A 251 21.80 -28.10 26.98
CA LYS A 251 21.33 -26.93 27.68
C LYS A 251 20.63 -27.33 28.98
N ASN A 252 19.73 -28.31 28.90
CA ASN A 252 19.03 -28.74 30.11
C ASN A 252 20.00 -29.31 31.14
N LYS A 253 21.00 -30.08 30.68
CA LYS A 253 21.96 -30.67 31.60
C LYS A 253 22.67 -29.62 32.43
N TRP A 254 23.12 -28.56 31.79
CA TRP A 254 24.01 -27.61 32.45
C TRP A 254 23.29 -26.40 33.04
N TRP A 255 22.04 -26.13 32.65
CA TRP A 255 21.25 -25.05 33.24
C TRP A 255 20.24 -25.50 34.28
N TYR A 256 19.48 -26.56 34.01
CA TYR A 256 18.30 -26.83 34.82
C TYR A 256 18.34 -28.17 35.55
N ASP A 257 18.92 -29.21 34.93
CA ASP A 257 18.88 -30.54 35.55
C ASP A 257 19.44 -30.52 36.96
N LYS A 258 20.51 -29.78 37.19
CA LYS A 258 21.08 -29.65 38.52
C LYS A 258 21.02 -28.21 39.01
N GLY A 259 19.97 -27.48 38.62
CA GLY A 259 19.71 -26.20 39.22
C GLY A 259 19.56 -26.32 40.73
N GLU A 260 19.87 -25.22 41.42
CA GLU A 260 19.95 -25.17 42.88
C GLU A 260 18.78 -24.45 43.52
N CYS A 261 17.83 -23.93 42.74
CA CYS A 261 16.75 -23.09 43.26
C CYS A 261 15.39 -23.77 43.12
N GLY A 262 15.38 -25.09 43.17
CA GLY A 262 14.13 -25.85 43.16
C GLY A 262 13.78 -26.35 41.77
N SER A 263 12.58 -26.90 41.70
CA SER A 263 12.01 -27.32 40.41
C SER A 263 10.93 -26.33 39.99
N GLY B 1 16.77 -12.71 -18.84
CA GLY B 1 16.36 -11.34 -18.40
C GLY B 1 17.46 -10.31 -18.58
N ALA B 2 17.29 -9.15 -17.95
CA ALA B 2 18.26 -8.08 -18.07
C ALA B 2 19.57 -8.48 -17.40
N ASN B 3 20.69 -8.12 -18.02
CA ASN B 3 22.00 -8.34 -17.43
C ASN B 3 22.07 -7.74 -16.03
N LYS B 4 22.97 -8.25 -15.19
CA LYS B 4 23.25 -7.72 -13.86
C LYS B 4 22.02 -7.67 -12.97
N THR B 5 20.97 -8.39 -13.32
CA THR B 5 19.78 -8.45 -12.48
C THR B 5 19.79 -9.78 -11.73
N VAL B 6 19.77 -9.69 -10.41
CA VAL B 6 19.74 -10.87 -9.55
C VAL B 6 18.33 -11.44 -9.53
N VAL B 7 18.19 -12.73 -9.84
CA VAL B 7 16.90 -13.40 -9.83
C VAL B 7 16.66 -13.94 -8.43
N VAL B 8 15.60 -13.44 -7.79
CA VAL B 8 15.23 -13.83 -6.44
C VAL B 8 14.07 -14.80 -6.52
N THR B 9 14.25 -16.01 -6.01
CA THR B 9 13.13 -16.91 -5.86
C THR B 9 12.53 -16.73 -4.47
N THR B 10 11.22 -16.73 -4.40
CA THR B 10 10.50 -16.61 -3.14
C THR B 10 9.17 -17.34 -3.31
N ILE B 11 8.32 -17.25 -2.30
CA ILE B 11 7.11 -18.08 -2.25
C ILE B 11 5.98 -17.26 -1.66
N LEU B 12 4.76 -17.50 -2.15
CA LEU B 12 3.60 -16.78 -1.65
C LEU B 12 3.21 -17.38 -0.31
N GLU B 13 3.55 -16.69 0.75
CA GLU B 13 3.30 -17.16 2.11
C GLU B 13 3.13 -15.93 2.97
N SER B 14 1.95 -15.75 3.57
CA SER B 14 1.69 -14.55 4.36
C SER B 14 2.41 -14.63 5.72
N PRO B 15 2.94 -13.51 6.21
CA PRO B 15 3.00 -12.15 5.65
C PRO B 15 4.34 -11.87 4.98
N TYR B 16 5.02 -12.94 4.54
CA TYR B 16 6.33 -12.80 3.94
C TYR B 16 6.25 -12.23 2.53
N VAL B 17 5.42 -12.83 1.68
CA VAL B 17 5.18 -12.35 0.32
C VAL B 17 3.70 -12.53 0.03
N MET B 18 3.03 -11.45 -0.33
CA MET B 18 1.60 -11.45 -0.61
C MET B 18 1.35 -10.60 -1.85
N MET B 19 0.30 -10.95 -2.59
CA MET B 19 -0.13 -10.10 -3.70
C MET B 19 -0.76 -8.84 -3.15
N LYS B 20 -0.28 -7.68 -3.62
CA LYS B 20 -0.90 -6.42 -3.22
C LYS B 20 -2.34 -6.35 -3.71
N LYS B 21 -3.16 -5.61 -2.98
CA LYS B 21 -4.45 -5.18 -3.51
C LYS B 21 -4.24 -4.53 -4.86
N ASN B 22 -5.07 -4.90 -5.82
CA ASN B 22 -4.99 -4.31 -7.15
CA ASN B 22 -5.04 -4.39 -7.20
C ASN B 22 -3.73 -4.74 -7.91
N HIS B 23 -3.09 -5.83 -7.48
CA HIS B 23 -1.87 -6.29 -8.15
C HIS B 23 -2.08 -6.52 -9.65
N GLU B 24 -3.32 -6.75 -10.08
CA GLU B 24 -3.50 -7.14 -11.49
C GLU B 24 -3.13 -6.01 -12.44
N MET B 25 -3.13 -4.75 -11.98
CA MET B 25 -2.67 -3.66 -12.84
C MET B 25 -1.24 -3.23 -12.51
N LEU B 26 -0.56 -3.94 -11.61
CA LEU B 26 0.83 -3.65 -11.27
C LEU B 26 1.74 -4.60 -12.05
N GLU B 27 3.04 -4.32 -11.99
CA GLU B 27 4.01 -5.09 -12.76
CA GLU B 27 4.03 -5.05 -12.77
C GLU B 27 5.29 -5.27 -11.95
N GLY B 28 6.02 -6.34 -12.28
CA GLY B 28 7.31 -6.57 -11.67
C GLY B 28 7.26 -6.67 -10.16
N ASN B 29 8.30 -6.18 -9.50
CA ASN B 29 8.41 -6.32 -8.05
C ASN B 29 7.28 -5.61 -7.32
N GLU B 30 6.67 -4.61 -7.95
CA GLU B 30 5.61 -3.83 -7.32
C GLU B 30 4.33 -4.63 -7.12
N ARG B 31 4.22 -5.83 -7.70
CA ARG B 31 3.03 -6.67 -7.48
C ARG B 31 2.95 -7.20 -6.05
N TYR B 32 4.06 -7.24 -5.32
CA TYR B 32 4.19 -8.00 -4.10
C TYR B 32 4.44 -7.09 -2.92
N GLU B 33 4.03 -7.53 -1.74
CA GLU B 33 4.33 -6.85 -0.51
C GLU B 33 4.55 -7.89 0.58
N GLY B 34 5.24 -7.47 1.63
CA GLY B 34 5.41 -8.32 2.79
C GLY B 34 6.80 -8.23 3.38
N TYR B 35 7.01 -9.02 4.43
CA TYR B 35 8.29 -9.00 5.15
C TYR B 35 9.45 -9.27 4.21
N CYS B 36 9.36 -10.33 3.41
CA CYS B 36 10.49 -10.69 2.56
C CYS B 36 10.64 -9.76 1.37
N VAL B 37 9.56 -9.11 0.95
CA VAL B 37 9.66 -8.09 -0.08
C VAL B 37 10.46 -6.90 0.44
N ASP B 38 10.13 -6.43 1.65
CA ASP B 38 10.91 -5.36 2.28
C ASP B 38 12.35 -5.81 2.53
N LEU B 39 12.54 -7.04 3.00
CA LEU B 39 13.89 -7.53 3.29
C LEU B 39 14.73 -7.59 2.02
N ALA B 40 14.12 -8.06 0.93
CA ALA B 40 14.83 -8.10 -0.35
C ALA B 40 15.32 -6.71 -0.74
N ALA B 41 14.46 -5.69 -0.58
CA ALA B 41 14.85 -4.32 -0.92
C ALA B 41 16.02 -3.85 -0.06
N GLU B 42 15.98 -4.15 1.24
CA GLU B 42 17.06 -3.74 2.15
C GLU B 42 18.36 -4.45 1.81
N ILE B 43 18.31 -5.77 1.58
CA ILE B 43 19.51 -6.52 1.23
CA ILE B 43 19.52 -6.52 1.24
C ILE B 43 20.10 -6.00 -0.07
N ALA B 44 19.25 -5.84 -1.09
CA ALA B 44 19.72 -5.38 -2.39
C ALA B 44 20.37 -4.00 -2.29
N LYS B 45 19.81 -3.13 -1.45
CA LYS B 45 20.38 -1.81 -1.28
C LYS B 45 21.76 -1.90 -0.63
N HIS B 46 21.90 -2.71 0.42
CA HIS B 46 23.18 -2.85 1.10
C HIS B 46 24.22 -3.48 0.19
N CYS B 47 23.82 -4.44 -0.64
CA CYS B 47 24.78 -5.15 -1.48
C CYS B 47 24.94 -4.51 -2.85
N GLY B 48 24.06 -3.58 -3.20
CA GLY B 48 24.16 -2.83 -4.44
C GLY B 48 23.87 -3.64 -5.68
N PHE B 49 22.74 -4.36 -5.70
CA PHE B 49 22.32 -5.06 -6.91
C PHE B 49 20.85 -4.79 -7.21
N LYS B 50 20.55 -4.78 -8.51
CA LYS B 50 19.17 -4.83 -8.98
C LYS B 50 18.69 -6.27 -8.95
N TYR B 51 17.38 -6.44 -8.77
CA TYR B 51 16.85 -7.79 -8.60
C TYR B 51 15.43 -7.86 -9.14
N LYS B 52 15.02 -9.09 -9.46
CA LYS B 52 13.66 -9.37 -9.91
C LYS B 52 13.08 -10.46 -9.03
N LEU B 53 11.98 -10.17 -8.36
CA LEU B 53 11.28 -11.16 -7.56
C LEU B 53 10.52 -12.12 -8.47
N THR B 54 10.67 -13.42 -8.22
CA THR B 54 9.95 -14.44 -8.97
C THR B 54 9.39 -15.44 -7.99
N ILE B 55 8.12 -15.80 -8.17
CA ILE B 55 7.52 -16.80 -7.30
C ILE B 55 7.90 -18.19 -7.80
N VAL B 56 8.39 -19.03 -6.89
CA VAL B 56 8.86 -20.37 -7.23
C VAL B 56 7.79 -21.10 -8.04
N GLY B 57 8.23 -21.70 -9.15
CA GLY B 57 7.29 -22.22 -10.12
C GLY B 57 6.38 -23.29 -9.57
N ASP B 58 6.92 -24.21 -8.75
CA ASP B 58 6.12 -25.33 -8.26
C ASP B 58 5.49 -25.05 -6.90
N GLY B 59 5.68 -23.85 -6.35
CA GLY B 59 5.02 -23.47 -5.12
C GLY B 59 5.51 -24.16 -3.88
N LYS B 60 6.72 -24.73 -3.91
CA LYS B 60 7.23 -25.56 -2.83
C LYS B 60 8.49 -24.96 -2.21
N TYR B 61 8.73 -25.30 -0.95
CA TYR B 61 9.93 -24.81 -0.26
C TYR B 61 11.17 -25.54 -0.75
N GLY B 62 11.18 -26.86 -0.63
CA GLY B 62 12.28 -27.64 -1.17
C GLY B 62 12.52 -28.94 -0.44
N ALA B 63 12.40 -30.05 -1.16
CA ALA B 63 12.73 -31.37 -0.66
C ALA B 63 13.39 -32.14 -1.78
N ARG B 64 14.19 -33.13 -1.39
CA ARG B 64 14.89 -33.96 -2.35
C ARG B 64 14.12 -35.26 -2.49
N ASP B 65 13.77 -35.60 -3.73
CA ASP B 65 13.08 -36.87 -3.98
C ASP B 65 13.98 -38.02 -3.62
N ALA B 66 13.44 -38.98 -2.86
CA ALA B 66 14.25 -40.09 -2.36
C ALA B 66 14.79 -40.96 -3.49
N ASP B 67 14.04 -41.06 -4.60
CA ASP B 67 14.42 -41.94 -5.70
C ASP B 67 15.29 -41.24 -6.73
N THR B 68 14.79 -40.13 -7.28
CA THR B 68 15.54 -39.39 -8.29
C THR B 68 16.65 -38.54 -7.73
N LYS B 69 16.62 -38.23 -6.43
CA LYS B 69 17.57 -37.32 -5.80
C LYS B 69 17.45 -35.89 -6.33
N ILE B 70 16.36 -35.57 -7.01
CA ILE B 70 16.16 -34.23 -7.57
C ILE B 70 15.53 -33.35 -6.50
N TRP B 71 16.07 -32.14 -6.36
CA TRP B 71 15.52 -31.15 -5.44
C TRP B 71 14.39 -30.37 -6.12
N ASN B 72 13.31 -30.14 -5.38
CA ASN B 72 12.23 -29.31 -5.91
C ASN B 72 12.19 -27.98 -5.15
N GLY B 73 11.16 -27.17 -5.42
CA GLY B 73 10.95 -25.95 -4.67
C GLY B 73 12.05 -24.91 -4.89
N MET B 74 12.11 -23.98 -3.94
CA MET B 74 13.12 -22.91 -4.02
C MET B 74 14.52 -23.49 -3.94
N VAL B 75 14.73 -24.52 -3.12
CA VAL B 75 16.05 -25.15 -3.05
C VAL B 75 16.47 -25.63 -4.44
N GLY B 76 15.57 -26.31 -5.14
CA GLY B 76 15.88 -26.77 -6.49
C GLY B 76 16.16 -25.63 -7.45
N GLU B 77 15.41 -24.53 -7.34
CA GLU B 77 15.71 -23.41 -8.22
C GLU B 77 17.13 -22.90 -8.01
N LEU B 78 17.63 -22.94 -6.77
CA LEU B 78 19.01 -22.56 -6.53
C LEU B 78 19.97 -23.62 -7.05
N VAL B 79 19.70 -24.89 -6.73
CA VAL B 79 20.61 -25.97 -7.09
C VAL B 79 20.78 -26.07 -8.60
N TYR B 80 19.70 -25.86 -9.35
CA TYR B 80 19.73 -26.07 -10.79
C TYR B 80 19.87 -24.78 -11.60
N GLY B 81 20.15 -23.65 -10.94
CA GLY B 81 20.54 -22.45 -11.65
C GLY B 81 19.40 -21.59 -12.17
N LYS B 82 18.18 -21.82 -11.70
CA LYS B 82 17.04 -21.04 -12.16
C LYS B 82 16.93 -19.71 -11.42
N ALA B 83 17.49 -19.62 -10.21
CA ALA B 83 17.50 -18.38 -9.44
C ALA B 83 18.87 -18.21 -8.80
N ASP B 84 19.18 -16.95 -8.50
CA ASP B 84 20.47 -16.59 -7.91
C ASP B 84 20.45 -16.55 -6.39
N ILE B 85 19.28 -16.37 -5.79
CA ILE B 85 19.15 -16.19 -4.36
C ILE B 85 17.70 -16.46 -3.99
N ALA B 86 17.49 -16.95 -2.78
CA ALA B 86 16.16 -17.17 -2.23
C ALA B 86 15.99 -16.26 -1.02
N ILE B 87 14.98 -15.40 -1.05
CA ILE B 87 14.67 -14.53 0.06
C ILE B 87 13.24 -14.87 0.45
N ALA B 88 13.10 -15.69 1.48
CA ALA B 88 11.86 -16.36 1.81
C ALA B 88 11.95 -16.98 3.19
N PRO B 89 10.82 -17.41 3.77
CA PRO B 89 10.89 -18.14 5.04
C PRO B 89 11.40 -19.56 4.82
N LEU B 90 12.66 -19.64 4.40
CA LEU B 90 13.30 -20.89 4.05
C LEU B 90 14.15 -21.35 5.23
N THR B 91 13.79 -22.50 5.80
CA THR B 91 14.40 -22.97 7.03
C THR B 91 15.80 -23.54 6.79
N ILE B 92 16.73 -23.14 7.65
CA ILE B 92 18.08 -23.71 7.69
C ILE B 92 17.98 -25.14 8.21
N THR B 93 18.46 -26.10 7.41
CA THR B 93 18.50 -27.49 7.84
C THR B 93 19.82 -28.11 7.39
N TYR B 94 20.16 -29.22 8.04
CA TYR B 94 21.39 -29.93 7.71
C TYR B 94 21.39 -30.36 6.24
N VAL B 95 20.31 -31.00 5.79
CA VAL B 95 20.35 -31.56 4.44
C VAL B 95 20.40 -30.46 3.40
N ARG B 96 19.77 -29.31 3.66
CA ARG B 96 19.86 -28.19 2.73
C ARG B 96 21.23 -27.53 2.78
N GLU B 97 21.79 -27.39 3.99
CA GLU B 97 23.11 -26.79 4.12
C GLU B 97 24.16 -27.55 3.32
N GLU B 98 23.95 -28.85 3.10
CA GLU B 98 24.88 -29.64 2.31
C GLU B 98 24.91 -29.22 0.84
N VAL B 99 23.83 -28.63 0.32
CA VAL B 99 23.72 -28.39 -1.11
C VAL B 99 23.60 -26.92 -1.49
N ILE B 100 23.22 -26.02 -0.58
CA ILE B 100 23.17 -24.58 -0.82
C ILE B 100 23.84 -23.87 0.35
N ASP B 101 24.13 -22.59 0.16
CA ASP B 101 24.66 -21.73 1.21
C ASP B 101 23.52 -20.96 1.86
N PHE B 102 23.62 -20.75 3.18
CA PHE B 102 22.66 -19.97 3.96
C PHE B 102 23.38 -18.83 4.65
N SER B 103 22.75 -17.65 4.65
CA SER B 103 23.21 -16.58 5.53
C SER B 103 22.98 -16.97 6.99
N LYS B 104 23.58 -16.20 7.89
CA LYS B 104 23.14 -16.25 9.28
C LYS B 104 21.65 -15.97 9.31
N PRO B 105 20.92 -16.50 10.29
CA PRO B 105 19.46 -16.41 10.24
C PRO B 105 18.97 -14.98 10.37
N PHE B 106 17.88 -14.68 9.66
CA PHE B 106 17.22 -13.38 9.81
C PHE B 106 15.95 -13.45 10.64
N MET B 107 15.47 -14.64 10.98
CA MET B 107 14.30 -14.78 11.82
C MET B 107 14.34 -16.14 12.48
N SER B 108 13.91 -16.18 13.75
CA SER B 108 13.87 -17.43 14.49
CA SER B 108 13.86 -17.41 14.52
C SER B 108 12.48 -18.04 14.41
N LEU B 109 12.43 -19.37 14.53
CA LEU B 109 11.16 -20.07 14.59
C LEU B 109 11.40 -21.46 15.16
N GLY B 110 10.31 -22.11 15.55
CA GLY B 110 10.33 -23.53 15.85
C GLY B 110 9.05 -24.18 15.38
N ILE B 111 9.12 -25.49 15.17
CA ILE B 111 7.89 -26.22 14.88
C ILE B 111 6.97 -26.08 16.08
N SER B 112 5.69 -25.87 15.81
CA SER B 112 4.72 -25.61 16.87
C SER B 112 3.41 -26.30 16.51
N ILE B 113 2.49 -26.31 17.47
CA ILE B 113 1.19 -26.97 17.31
C ILE B 113 0.12 -25.90 17.21
N MET B 114 -0.70 -25.98 16.17
CA MET B 114 -1.90 -25.17 16.05
C MET B 114 -3.13 -26.03 16.32
N ILE B 115 -4.01 -25.56 17.21
CA ILE B 115 -5.27 -26.21 17.50
C ILE B 115 -6.40 -25.22 17.28
N LYS B 116 -7.58 -25.76 17.00
CA LYS B 116 -8.81 -25.00 17.18
C LYS B 116 -8.97 -24.70 18.67
N LYS B 117 -9.24 -23.44 19.01
CA LYS B 117 -9.36 -23.08 20.42
C LYS B 117 -10.28 -24.05 21.12
N GLY B 118 -9.85 -24.54 22.29
CA GLY B 118 -10.64 -25.47 23.05
C GLY B 118 -10.27 -26.93 22.84
N THR B 119 -9.45 -27.24 21.86
CA THR B 119 -9.01 -28.62 21.68
C THR B 119 -8.23 -29.06 22.92
N PRO B 120 -8.51 -30.29 23.48
CA PRO B 120 -7.78 -30.73 24.69
C PRO B 120 -6.40 -31.29 24.36
N ILE B 121 -5.50 -30.40 23.94
CA ILE B 121 -4.13 -30.74 23.61
C ILE B 121 -3.21 -29.66 24.16
N GLU B 122 -2.19 -30.07 24.90
CA GLU B 122 -1.22 -29.14 25.47
C GLU B 122 0.20 -29.37 24.98
N SER B 123 0.47 -30.46 24.26
CA SER B 123 1.84 -30.82 23.93
C SER B 123 1.85 -31.80 22.77
N ALA B 124 3.02 -31.94 22.16
CA ALA B 124 3.23 -32.99 21.17
C ALA B 124 3.02 -34.36 21.78
N GLU B 125 3.46 -34.56 23.03
CA GLU B 125 3.23 -35.83 23.70
C GLU B 125 1.73 -36.12 23.80
N ASP B 126 0.93 -35.11 24.13
CA ASP B 126 -0.52 -35.29 24.14
C ASP B 126 -1.03 -35.81 22.81
N LEU B 127 -0.60 -35.19 21.71
CA LEU B 127 -1.01 -35.64 20.38
C LEU B 127 -0.60 -37.09 20.16
N SER B 128 0.62 -37.46 20.58
CA SER B 128 1.17 -38.77 20.27
C SER B 128 0.48 -39.88 21.05
N LYS B 129 -0.19 -39.57 22.17
CA LYS B 129 -0.79 -40.57 23.04
C LYS B 129 -2.28 -40.76 22.78
N GLN B 130 -2.81 -40.19 21.70
CA GLN B 130 -4.23 -40.28 21.41
C GLN B 130 -4.42 -40.43 19.89
N THR B 131 -5.66 -40.71 19.50
CA THR B 131 -6.00 -40.95 18.11
C THR B 131 -7.26 -40.21 17.65
N GLU B 132 -8.05 -39.66 18.57
CA GLU B 132 -9.26 -38.96 18.16
C GLU B 132 -8.93 -37.73 17.32
N ILE B 133 -7.84 -37.05 17.67
CA ILE B 133 -7.45 -35.81 17.00
C ILE B 133 -6.36 -36.15 16.00
N ALA B 134 -6.65 -35.98 14.72
CA ALA B 134 -5.66 -36.17 13.67
C ALA B 134 -4.73 -34.97 13.61
N TYR B 135 -3.57 -35.16 12.98
CA TYR B 135 -2.62 -34.06 12.84
C TYR B 135 -1.67 -34.32 11.68
N GLY B 136 -1.19 -33.23 11.08
CA GLY B 136 -0.30 -33.33 9.95
C GLY B 136 0.50 -32.06 9.72
N THR B 137 1.20 -32.03 8.58
CA THR B 137 2.16 -30.98 8.26
C THR B 137 2.03 -30.58 6.80
N LEU B 138 2.77 -29.53 6.44
CA LEU B 138 2.95 -29.14 5.05
C LEU B 138 3.79 -30.19 4.31
N ASP B 139 3.46 -30.43 3.04
CA ASP B 139 4.32 -31.25 2.17
C ASP B 139 5.56 -30.50 1.71
N SER B 140 6.64 -31.25 1.50
CA SER B 140 7.83 -30.75 0.80
C SER B 140 8.54 -29.63 1.56
N GLY B 141 8.48 -29.67 2.90
CA GLY B 141 9.08 -28.64 3.71
C GLY B 141 9.85 -29.22 4.88
N SER B 142 10.43 -28.32 5.68
CA SER B 142 11.34 -28.74 6.73
C SER B 142 10.61 -29.39 7.89
N THR B 143 9.34 -29.05 8.11
CA THR B 143 8.60 -29.67 9.20
C THR B 143 8.38 -31.15 8.93
N LYS B 144 7.90 -31.48 7.73
CA LYS B 144 7.69 -32.89 7.40
C LYS B 144 9.01 -33.66 7.47
N GLU B 145 10.07 -33.12 6.87
CA GLU B 145 11.37 -33.79 6.90
C GLU B 145 11.89 -33.96 8.33
N PHE B 146 11.58 -33.01 9.20
CA PHE B 146 11.99 -33.14 10.58
C PHE B 146 11.42 -34.40 11.22
N PHE B 147 10.10 -34.62 11.06
CA PHE B 147 9.47 -35.79 11.67
C PHE B 147 9.93 -37.08 10.99
N ARG B 148 10.11 -37.06 9.68
CA ARG B 148 10.57 -38.26 8.99
C ARG B 148 11.92 -38.72 9.53
N ARG B 149 12.83 -37.79 9.80
CA ARG B 149 14.19 -38.10 10.19
C ARG B 149 14.38 -38.28 11.70
N SER B 150 13.41 -37.87 12.52
CA SER B 150 13.63 -37.82 13.96
C SER B 150 13.70 -39.20 14.58
N LYS B 151 14.76 -39.43 15.36
CA LYS B 151 14.86 -40.57 16.24
C LYS B 151 14.42 -40.24 17.67
N ILE B 152 13.87 -39.04 17.88
CA ILE B 152 13.31 -38.67 19.18
C ILE B 152 12.01 -39.42 19.38
N ALA B 153 11.85 -40.04 20.56
CA ALA B 153 10.78 -41.03 20.75
C ALA B 153 9.41 -40.47 20.41
N VAL B 154 9.06 -39.30 20.96
CA VAL B 154 7.73 -38.75 20.73
C VAL B 154 7.53 -38.43 19.26
N PHE B 155 8.54 -37.83 18.62
CA PHE B 155 8.38 -37.41 17.24
C PHE B 155 8.39 -38.61 16.30
N ASP B 156 9.20 -39.63 16.62
CA ASP B 156 9.18 -40.85 15.82
C ASP B 156 7.81 -41.52 15.88
N LYS B 157 7.20 -41.52 17.07
CA LYS B 157 5.85 -42.06 17.20
C LYS B 157 4.86 -41.24 16.38
N MET B 158 5.00 -39.91 16.41
CA MET B 158 4.11 -39.05 15.62
C MET B 158 4.29 -39.29 14.12
N TRP B 159 5.54 -39.41 13.66
CA TRP B 159 5.77 -39.66 12.25
C TRP B 159 5.14 -40.99 11.83
N THR B 160 5.33 -42.03 12.64
CA THR B 160 4.80 -43.35 12.30
C THR B 160 3.29 -43.28 12.07
N TYR B 161 2.59 -42.48 12.85
CA TYR B 161 1.15 -42.30 12.64
C TYR B 161 0.87 -41.49 11.38
N MET B 162 1.52 -40.32 11.25
CA MET B 162 1.17 -39.38 10.17
C MET B 162 1.43 -39.97 8.80
N ARG B 163 2.54 -40.70 8.64
CA ARG B 163 2.92 -41.18 7.33
C ARG B 163 1.89 -42.16 6.77
N SER B 164 1.13 -42.83 7.65
CA SER B 164 0.17 -43.86 7.24
C SER B 164 -1.28 -43.46 7.43
N ALA B 165 -1.55 -42.26 7.95
CA ALA B 165 -2.94 -41.88 8.19
C ALA B 165 -3.69 -41.69 6.88
N GLU B 166 -4.95 -42.10 6.87
CA GLU B 166 -5.81 -41.96 5.69
C GLU B 166 -7.16 -41.38 6.13
N PRO B 167 -7.68 -40.38 5.41
CA PRO B 167 -7.04 -39.70 4.28
C PRO B 167 -5.79 -38.92 4.73
N SER B 168 -4.96 -38.52 3.78
CA SER B 168 -3.68 -37.90 4.09
C SER B 168 -3.86 -36.74 5.05
N VAL B 169 -2.97 -36.67 6.04
CA VAL B 169 -2.92 -35.53 6.96
C VAL B 169 -1.99 -34.42 6.46
N PHE B 170 -1.32 -34.63 5.34
CA PHE B 170 -0.41 -33.62 4.80
C PHE B 170 -1.16 -32.72 3.83
N VAL B 171 -0.73 -31.46 3.79
CA VAL B 171 -1.41 -30.44 2.98
C VAL B 171 -0.41 -29.81 2.02
N ARG B 172 -0.95 -29.17 0.98
CA ARG B 172 -0.13 -28.62 -0.09
C ARG B 172 0.32 -27.20 0.20
N THR B 173 -0.44 -26.44 1.01
CA THR B 173 -0.07 -25.09 1.39
C THR B 173 -0.46 -24.86 2.84
N THR B 174 0.16 -23.85 3.43
CA THR B 174 -0.16 -23.46 4.79
C THR B 174 -1.64 -23.13 4.96
N ALA B 175 -2.24 -22.49 3.97
CA ALA B 175 -3.64 -22.11 4.08
C ALA B 175 -4.55 -23.33 4.25
N GLU B 176 -4.24 -24.43 3.55
CA GLU B 176 -5.05 -25.63 3.69
C GLU B 176 -4.95 -26.21 5.10
N GLY B 177 -3.74 -26.21 5.66
CA GLY B 177 -3.58 -26.67 7.03
C GLY B 177 -4.43 -25.86 8.00
N VAL B 178 -4.38 -24.54 7.88
CA VAL B 178 -5.17 -23.67 8.76
C VAL B 178 -6.66 -23.94 8.56
N ALA B 179 -7.11 -23.97 7.30
CA ALA B 179 -8.52 -24.20 7.05
C ALA B 179 -8.98 -25.52 7.66
N ARG B 180 -8.14 -26.55 7.56
CA ARG B 180 -8.50 -27.87 8.09
C ARG B 180 -8.64 -27.83 9.60
N VAL B 181 -7.76 -27.09 10.29
CA VAL B 181 -7.94 -26.90 11.73
C VAL B 181 -9.29 -26.27 12.00
N ARG B 182 -9.61 -25.20 11.27
CA ARG B 182 -10.83 -24.44 11.51
C ARG B 182 -12.09 -25.23 11.15
N LYS B 183 -11.98 -26.16 10.18
CA LYS B 183 -13.16 -26.91 9.73
CA LYS B 183 -13.15 -26.92 9.71
C LYS B 183 -13.34 -28.23 10.46
N SER B 184 -12.29 -28.75 11.10
CA SER B 184 -12.34 -30.09 11.69
CA SER B 184 -12.31 -30.08 11.70
C SER B 184 -12.94 -30.11 13.09
N LYS B 185 -13.53 -29.00 13.54
CA LYS B 185 -14.21 -28.94 14.84
C LYS B 185 -13.29 -29.45 15.96
N GLY B 186 -12.00 -29.20 15.83
CA GLY B 186 -11.05 -29.59 16.85
C GLY B 186 -10.49 -30.99 16.71
N LYS B 187 -10.82 -31.70 15.63
CA LYS B 187 -10.33 -33.06 15.42
C LYS B 187 -9.13 -33.10 14.47
N TYR B 188 -8.59 -31.94 14.10
CA TYR B 188 -7.35 -31.85 13.34
C TYR B 188 -6.49 -30.75 13.95
N ALA B 189 -5.22 -31.08 14.19
CA ALA B 189 -4.24 -30.11 14.63
C ALA B 189 -3.14 -30.03 13.58
N TYR B 190 -2.61 -28.83 13.37
CA TYR B 190 -1.67 -28.58 12.30
C TYR B 190 -0.32 -28.25 12.91
N LEU B 191 0.71 -28.95 12.44
CA LEU B 191 2.07 -28.70 12.88
C LEU B 191 2.72 -27.76 11.88
N LEU B 192 3.07 -26.56 12.34
CA LEU B 192 3.62 -25.55 11.46
C LEU B 192 4.55 -24.64 12.26
N GLU B 193 5.25 -23.78 11.54
CA GLU B 193 6.27 -22.97 12.18
C GLU B 193 5.65 -21.85 13.00
N SER B 194 6.27 -21.59 14.15
CA SER B 194 5.72 -20.68 15.15
C SER B 194 5.45 -19.29 14.56
N THR B 195 6.32 -18.83 13.65
CA THR B 195 6.13 -17.56 12.97
C THR B 195 4.79 -17.50 12.26
N MET B 196 4.49 -18.54 11.47
CA MET B 196 3.22 -18.57 10.76
CA MET B 196 3.22 -18.60 10.76
C MET B 196 2.07 -18.84 11.73
N ASN B 197 2.30 -19.65 12.76
CA ASN B 197 1.29 -19.90 13.78
C ASN B 197 0.90 -18.61 14.49
N GLU B 198 1.91 -17.84 14.93
CA GLU B 198 1.63 -16.61 15.67
C GLU B 198 0.96 -15.57 14.79
N TYR B 199 1.30 -15.54 13.50
CA TYR B 199 0.62 -14.63 12.59
C TYR B 199 -0.87 -14.94 12.52
N ILE B 200 -1.20 -16.23 12.33
CA ILE B 200 -2.58 -16.66 12.17
C ILE B 200 -3.36 -16.44 13.46
N GLU B 201 -2.72 -16.64 14.62
CA GLU B 201 -3.44 -16.54 15.88
C GLU B 201 -3.98 -15.13 16.12
N GLN B 202 -3.38 -14.13 15.51
CA GLN B 202 -3.84 -12.75 15.64
C GLN B 202 -4.89 -12.36 14.62
N ARG B 203 -5.19 -13.21 13.65
CA ARG B 203 -6.11 -12.89 12.57
C ARG B 203 -7.50 -13.49 12.78
N LYS B 204 -8.50 -12.76 12.29
CA LYS B 204 -9.87 -13.29 12.24
C LYS B 204 -9.88 -14.59 11.46
N PRO B 205 -10.79 -15.52 11.83
CA PRO B 205 -11.82 -15.38 12.85
C PRO B 205 -11.37 -15.70 14.29
N CYS B 206 -10.08 -15.55 14.59
CA CYS B 206 -9.60 -15.63 15.98
C CYS B 206 -9.99 -16.93 16.66
N ASP B 207 -9.88 -18.04 15.94
CA ASP B 207 -10.32 -19.33 16.46
C ASP B 207 -9.21 -20.36 16.57
N THR B 208 -7.96 -19.96 16.36
CA THR B 208 -6.84 -20.86 16.49
C THR B 208 -5.91 -20.37 17.59
N MET B 209 -5.07 -21.26 18.10
CA MET B 209 -4.06 -20.85 19.06
C MET B 209 -2.88 -21.81 19.01
N LYS B 210 -1.73 -21.30 19.40
CA LYS B 210 -0.52 -22.10 19.55
C LYS B 210 -0.48 -22.65 20.96
N VAL B 211 -0.30 -23.97 21.08
CA VAL B 211 -0.28 -24.61 22.39
C VAL B 211 1.05 -25.33 22.56
N GLY B 212 1.55 -25.32 23.78
CA GLY B 212 2.78 -26.01 24.10
C GLY B 212 3.99 -25.19 23.69
N GLY B 213 5.16 -25.68 24.08
CA GLY B 213 6.39 -25.11 23.60
C GLY B 213 6.67 -25.53 22.17
N ASN B 214 7.65 -24.87 21.58
CA ASN B 214 8.10 -25.27 20.25
C ASN B 214 8.82 -26.61 20.34
N LEU B 215 8.71 -27.41 19.28
CA LEU B 215 9.31 -28.72 19.28
C LEU B 215 10.79 -28.68 18.93
N ASP B 216 11.24 -27.63 18.24
CA ASP B 216 12.65 -27.46 17.96
C ASP B 216 12.93 -25.96 17.86
N SER B 217 14.20 -25.64 17.58
CA SER B 217 14.64 -24.27 17.50
C SER B 217 15.53 -24.13 16.29
N LYS B 218 15.16 -23.23 15.39
CA LYS B 218 15.96 -22.99 14.20
C LYS B 218 15.63 -21.61 13.65
N GLY B 219 15.95 -21.36 12.39
CA GLY B 219 15.78 -20.05 11.81
C GLY B 219 15.69 -20.12 10.30
N TYR B 220 15.25 -19.00 9.73
CA TYR B 220 15.24 -18.80 8.29
C TYR B 220 16.53 -18.10 7.88
N GLY B 221 17.08 -18.50 6.74
CA GLY B 221 18.25 -17.84 6.20
C GLY B 221 18.07 -17.51 4.74
N ILE B 222 18.78 -16.48 4.31
CA ILE B 222 18.85 -16.19 2.88
CA ILE B 222 18.87 -16.16 2.89
C ILE B 222 19.77 -17.20 2.23
N ALA B 223 19.30 -17.82 1.16
CA ALA B 223 20.01 -18.93 0.54
C ALA B 223 20.56 -18.55 -0.82
N THR B 224 21.75 -19.05 -1.12
CA THR B 224 22.39 -18.85 -2.40
C THR B 224 22.94 -20.19 -2.88
N PRO B 225 23.18 -20.33 -4.17
CA PRO B 225 23.86 -21.55 -4.64
C PRO B 225 25.23 -21.63 -4.01
N LYS B 226 25.68 -22.86 -3.80
CA LYS B 226 26.97 -23.08 -3.18
C LYS B 226 28.06 -22.37 -3.98
N GLY B 227 28.87 -21.57 -3.29
CA GLY B 227 29.94 -20.84 -3.92
C GLY B 227 29.55 -19.55 -4.60
N SER B 228 28.29 -19.12 -4.47
CA SER B 228 27.87 -17.86 -5.08
C SER B 228 28.69 -16.69 -4.55
N SER B 229 29.04 -15.78 -5.45
CA SER B 229 29.74 -14.55 -5.09
C SER B 229 28.87 -13.56 -4.31
N LEU B 230 27.57 -13.82 -4.19
CA LEU B 230 26.68 -12.97 -3.41
C LEU B 230 26.69 -13.31 -1.93
N GLY B 231 27.12 -14.52 -1.56
CA GLY B 231 26.86 -15.02 -0.22
C GLY B 231 27.48 -14.19 0.88
N ASN B 232 28.74 -13.80 0.71
CA ASN B 232 29.42 -13.06 1.78
CA ASN B 232 29.43 -13.06 1.78
C ASN B 232 28.75 -11.73 2.05
N ALA B 233 28.44 -10.96 0.99
CA ALA B 233 27.84 -9.64 1.18
C ALA B 233 26.44 -9.74 1.76
N VAL B 234 25.66 -10.73 1.32
CA VAL B 234 24.30 -10.89 1.82
C VAL B 234 24.33 -11.25 3.30
N ASN B 235 25.28 -12.09 3.70
CA ASN B 235 25.39 -12.49 5.10
C ASN B 235 25.69 -11.29 5.99
N LEU B 236 26.67 -10.46 5.57
CA LEU B 236 26.97 -9.25 6.33
C LEU B 236 25.80 -8.31 6.38
N ALA B 237 25.02 -8.23 5.29
CA ALA B 237 23.86 -7.37 5.28
C ALA B 237 22.82 -7.82 6.31
N VAL B 238 22.62 -9.13 6.44
CA VAL B 238 21.68 -9.64 7.44
C VAL B 238 22.12 -9.22 8.83
N LEU B 239 23.41 -9.37 9.13
CA LEU B 239 23.88 -9.03 10.47
CA LEU B 239 23.88 -9.03 10.47
C LEU B 239 23.80 -7.53 10.72
N LYS B 240 24.08 -6.73 9.70
CA LYS B 240 23.98 -5.28 9.86
C LYS B 240 22.54 -4.87 10.13
N LEU B 241 21.60 -5.40 9.34
CA LEU B 241 20.18 -5.10 9.57
C LEU B 241 19.73 -5.56 10.93
N SER B 242 20.20 -6.73 11.35
CA SER B 242 19.89 -7.23 12.68
C SER B 242 20.38 -6.26 13.75
N GLU B 243 21.64 -5.85 13.67
CA GLU B 243 22.22 -5.01 14.72
C GLU B 243 21.64 -3.60 14.72
N GLN B 244 21.17 -3.12 13.57
CA GLN B 244 20.50 -1.83 13.51
C GLN B 244 19.08 -1.87 14.05
N GLY B 245 18.56 -3.06 14.36
CA GLY B 245 17.21 -3.19 14.84
C GLY B 245 16.16 -3.23 13.74
N LEU B 246 16.59 -3.29 12.48
CA LEU B 246 15.66 -3.22 11.36
C LEU B 246 14.93 -4.53 11.11
N LEU B 247 15.50 -5.67 11.51
CA LEU B 247 14.75 -6.92 11.39
C LEU B 247 13.63 -6.96 12.41
N ASP B 248 13.88 -6.47 13.63
CA ASP B 248 12.82 -6.37 14.63
C ASP B 248 11.74 -5.42 14.15
N LYS B 249 12.12 -4.29 13.58
CA LYS B 249 11.15 -3.34 13.06
C LYS B 249 10.26 -3.97 12.01
N LEU B 250 10.87 -4.71 11.08
CA LEU B 250 10.10 -5.35 10.01
C LEU B 250 9.17 -6.41 10.56
N LYS B 251 9.64 -7.19 11.54
CA LYS B 251 8.76 -8.20 12.15
C LYS B 251 7.56 -7.52 12.79
N ASN B 252 7.81 -6.44 13.55
CA ASN B 252 6.72 -5.74 14.22
C ASN B 252 5.72 -5.16 13.24
N LYS B 253 6.20 -4.77 12.06
CA LYS B 253 5.35 -4.19 11.04
C LYS B 253 4.41 -5.21 10.44
N TRP B 254 4.95 -6.38 10.07
CA TRP B 254 4.16 -7.37 9.34
C TRP B 254 3.41 -8.33 10.27
N TRP B 255 3.77 -8.38 11.55
CA TRP B 255 2.99 -9.07 12.56
C TRP B 255 2.19 -8.08 13.41
N TYR B 256 2.06 -6.82 12.95
CA TYR B 256 1.34 -5.80 13.70
C TYR B 256 -0.10 -6.24 13.99
N ASP B 257 -0.51 -6.10 15.25
CA ASP B 257 -1.84 -6.51 15.70
C ASP B 257 -2.76 -5.29 15.72
N LYS B 258 -3.70 -5.23 14.77
CA LYS B 258 -4.68 -4.16 14.72
C LYS B 258 -5.91 -4.45 15.58
N GLY B 259 -5.91 -5.55 16.32
CA GLY B 259 -7.01 -5.84 17.22
C GLY B 259 -8.17 -6.51 16.54
N GLU B 260 -7.91 -7.39 15.57
CA GLU B 260 -8.99 -8.21 15.05
C GLU B 260 -9.44 -9.24 16.08
N CYS B 261 -8.60 -9.52 17.08
CA CYS B 261 -8.88 -10.51 18.12
C CYS B 261 -8.81 -9.77 19.45
N GLY B 262 -9.96 -9.54 20.08
CA GLY B 262 -9.97 -8.86 21.37
C GLY B 262 -9.63 -7.38 21.25
N SER B 263 -8.90 -6.87 22.24
CA SER B 263 -8.69 -5.44 22.38
C SER B 263 -7.54 -4.92 21.53
N GLY B 264 -6.61 -5.77 21.12
CA GLY B 264 -5.42 -5.31 20.43
C GLY B 264 -4.45 -4.61 21.37
N GLY C 1 -28.38 17.00 17.09
CA GLY C 1 -27.57 16.57 18.26
C GLY C 1 -26.10 16.88 18.07
N ALA C 2 -25.27 16.25 18.90
CA ALA C 2 -23.83 16.50 18.86
C ALA C 2 -23.23 16.06 17.54
N ASN C 3 -22.14 16.70 17.16
CA ASN C 3 -21.42 16.30 15.96
C ASN C 3 -21.05 14.82 16.05
N LYS C 4 -21.19 14.13 14.93
CA LYS C 4 -20.86 12.71 14.82
C LYS C 4 -19.88 12.52 13.68
N THR C 5 -19.03 11.51 13.80
CA THR C 5 -18.10 11.22 12.72
C THR C 5 -18.86 10.78 11.47
N VAL C 6 -18.53 11.40 10.35
CA VAL C 6 -19.20 11.12 9.08
C VAL C 6 -18.59 9.86 8.48
N VAL C 7 -19.43 8.89 8.14
CA VAL C 7 -18.97 7.65 7.52
C VAL C 7 -18.90 7.86 6.01
N VAL C 8 -17.70 7.75 5.45
CA VAL C 8 -17.48 7.95 4.03
C VAL C 8 -17.31 6.59 3.38
N THR C 9 -18.18 6.24 2.44
CA THR C 9 -17.95 5.06 1.62
C THR C 9 -17.12 5.47 0.40
N THR C 10 -16.16 4.62 0.04
CA THR C 10 -15.32 4.83 -1.11
C THR C 10 -14.88 3.45 -1.61
N ILE C 11 -13.98 3.43 -2.59
CA ILE C 11 -13.67 2.20 -3.30
C ILE C 11 -12.18 2.20 -3.62
N LEU C 12 -11.56 1.03 -3.55
CA LEU C 12 -10.13 0.92 -3.84
C LEU C 12 -9.97 0.91 -5.35
N GLU C 13 -9.74 2.11 -5.88
CA GLU C 13 -9.63 2.34 -7.33
CA GLU C 13 -9.62 2.34 -7.32
C GLU C 13 -8.50 3.34 -7.53
N SER C 14 -7.41 2.91 -8.16
CA SER C 14 -6.27 3.79 -8.33
C SER C 14 -6.56 4.81 -9.43
N PRO C 15 -6.10 6.07 -9.24
CA PRO C 15 -5.36 6.65 -8.12
C PRO C 15 -6.27 7.37 -7.14
N TYR C 16 -7.54 7.01 -7.16
CA TYR C 16 -8.52 7.68 -6.31
CA TYR C 16 -8.51 7.69 -6.29
C TYR C 16 -8.32 7.29 -4.84
N VAL C 17 -8.27 5.99 -4.56
CA VAL C 17 -8.00 5.48 -3.23
C VAL C 17 -7.09 4.28 -3.37
N MET C 18 -5.93 4.34 -2.72
CA MET C 18 -4.93 3.29 -2.80
C MET C 18 -4.38 2.99 -1.41
N MET C 19 -3.94 1.76 -1.21
CA MET C 19 -3.27 1.41 0.02
C MET C 19 -1.90 2.07 0.07
N LYS C 20 -1.64 2.83 1.13
CA LYS C 20 -0.33 3.44 1.34
C LYS C 20 0.73 2.37 1.59
N LYS C 21 1.97 2.71 1.26
CA LYS C 21 3.09 1.96 1.79
C LYS C 21 3.06 2.06 3.31
N ASN C 22 3.20 0.92 3.96
CA ASN C 22 3.18 0.74 5.41
C ASN C 22 1.77 0.63 5.97
N HIS C 23 0.75 0.46 5.12
CA HIS C 23 -0.63 0.34 5.60
C HIS C 23 -0.76 -0.76 6.64
N GLU C 24 0.11 -1.77 6.59
CA GLU C 24 -0.05 -2.91 7.48
C GLU C 24 0.14 -2.54 8.95
N MET C 25 0.76 -1.38 9.22
CA MET C 25 0.92 -0.92 10.60
C MET C 25 0.19 0.39 10.84
N LEU C 26 -0.68 0.81 9.92
CA LEU C 26 -1.45 2.05 10.01
C LEU C 26 -2.91 1.73 10.27
N GLU C 27 -3.62 2.70 10.83
CA GLU C 27 -5.02 2.53 11.18
C GLU C 27 -5.84 3.71 10.66
N GLY C 28 -7.12 3.45 10.44
CA GLY C 28 -8.03 4.51 10.08
C GLY C 28 -7.65 5.13 8.75
N ASN C 29 -7.87 6.44 8.64
CA ASN C 29 -7.73 7.10 7.35
C ASN C 29 -6.29 7.11 6.87
N GLU C 30 -5.33 6.93 7.77
CA GLU C 30 -3.93 6.93 7.38
C GLU C 30 -3.54 5.75 6.52
N ARG C 31 -4.39 4.71 6.42
CA ARG C 31 -4.06 3.56 5.59
C ARG C 31 -4.08 3.88 4.10
N TYR C 32 -4.74 4.97 3.73
CA TYR C 32 -5.08 5.20 2.34
C TYR C 32 -4.43 6.48 1.82
N GLU C 33 -4.26 6.54 0.51
CA GLU C 33 -3.81 7.74 -0.17
C GLU C 33 -4.49 7.81 -1.53
N GLY C 34 -4.55 9.02 -2.09
CA GLY C 34 -5.03 9.17 -3.45
C GLY C 34 -5.85 10.43 -3.66
N TYR C 35 -6.34 10.60 -4.89
CA TYR C 35 -7.10 11.78 -5.24
C TYR C 35 -8.31 11.97 -4.33
N CYS C 36 -9.09 10.91 -4.10
CA CYS C 36 -10.30 11.04 -3.32
C CYS C 36 -10.01 11.09 -1.82
N VAL C 37 -8.86 10.57 -1.39
CA VAL C 37 -8.43 10.76 -0.01
C VAL C 37 -8.11 12.23 0.25
N ASP C 38 -7.36 12.86 -0.67
CA ASP C 38 -7.11 14.29 -0.57
C ASP C 38 -8.40 15.09 -0.69
N LEU C 39 -9.29 14.70 -1.60
CA LEU C 39 -10.54 15.45 -1.77
C LEU C 39 -11.40 15.36 -0.52
N ALA C 40 -11.46 14.18 0.09
CA ALA C 40 -12.24 14.02 1.32
C ALA C 40 -11.72 14.95 2.41
N ALA C 41 -10.40 15.04 2.58
CA ALA C 41 -9.83 15.95 3.55
C ALA C 41 -10.23 17.40 3.26
N GLU C 42 -10.18 17.81 1.99
CA GLU C 42 -10.54 19.18 1.61
C GLU C 42 -12.01 19.46 1.88
N ILE C 43 -12.89 18.53 1.50
CA ILE C 43 -14.33 18.72 1.73
CA ILE C 43 -14.33 18.74 1.73
C ILE C 43 -14.62 18.82 3.22
N ALA C 44 -14.05 17.90 4.00
CA ALA C 44 -14.28 17.89 5.44
C ALA C 44 -13.78 19.17 6.09
N LYS C 45 -12.65 19.68 5.62
CA LYS C 45 -12.13 20.93 6.16
C LYS C 45 -13.09 22.09 5.89
N HIS C 46 -13.58 22.18 4.65
CA HIS C 46 -14.45 23.29 4.28
C HIS C 46 -15.83 23.17 4.94
N CYS C 47 -16.32 21.94 5.14
CA CYS C 47 -17.64 21.75 5.72
C CYS C 47 -17.61 21.61 7.23
N GLY C 48 -16.45 21.37 7.81
CA GLY C 48 -16.31 21.27 9.24
C GLY C 48 -16.85 19.98 9.84
N PHE C 49 -16.47 18.83 9.30
CA PHE C 49 -16.79 17.57 9.94
C PHE C 49 -15.56 16.67 10.00
N LYS C 50 -15.59 15.76 10.97
CA LYS C 50 -14.66 14.64 11.05
C LYS C 50 -15.27 13.46 10.33
N TYR C 51 -14.40 12.57 9.81
CA TYR C 51 -14.90 11.51 8.95
C TYR C 51 -14.03 10.28 9.05
N LYS C 52 -14.62 9.14 8.69
CA LYS C 52 -13.93 7.86 8.64
C LYS C 52 -14.11 7.26 7.25
N LEU C 53 -13.00 7.02 6.56
CA LEU C 53 -13.05 6.39 5.26
C LEU C 53 -13.29 4.90 5.42
N THR C 54 -14.24 4.36 4.66
CA THR C 54 -14.60 2.95 4.73
CA THR C 54 -14.59 2.95 4.73
C THR C 54 -14.74 2.39 3.33
N ILE C 55 -13.91 1.40 3.00
CA ILE C 55 -13.98 0.80 1.68
C ILE C 55 -15.25 -0.02 1.54
N VAL C 56 -16.00 0.21 0.46
CA VAL C 56 -17.27 -0.50 0.26
C VAL C 56 -17.06 -1.99 0.28
N GLY C 57 -17.90 -2.70 1.04
CA GLY C 57 -17.64 -4.09 1.35
C GLY C 57 -17.63 -4.99 0.13
N ASP C 58 -18.53 -4.74 -0.83
CA ASP C 58 -18.61 -5.62 -1.99
C ASP C 58 -17.75 -5.16 -3.15
N GLY C 59 -17.06 -4.03 -3.01
CA GLY C 59 -16.12 -3.55 -4.02
C GLY C 59 -16.77 -3.07 -5.29
N LYS C 60 -18.05 -2.68 -5.23
N LYS C 60 -18.05 -2.68 -5.23
CA LYS C 60 -18.79 -2.30 -6.42
CA LYS C 60 -18.82 -2.29 -6.40
C LYS C 60 -19.22 -0.84 -6.34
C LYS C 60 -19.18 -0.81 -6.33
N TYR C 61 -19.43 -0.25 -7.51
CA TYR C 61 -19.89 1.13 -7.58
C TYR C 61 -21.37 1.23 -7.23
N GLY C 62 -22.21 0.49 -7.93
CA GLY C 62 -23.61 0.43 -7.56
C GLY C 62 -24.56 0.23 -8.72
N ALA C 63 -25.31 -0.85 -8.64
CA ALA C 63 -26.35 -1.21 -9.60
C ALA C 63 -27.54 -1.76 -8.83
N ARG C 64 -28.71 -1.68 -9.45
CA ARG C 64 -29.96 -2.17 -8.86
C ARG C 64 -30.32 -3.51 -9.49
N ASP C 65 -30.49 -4.53 -8.65
CA ASP C 65 -30.92 -5.83 -9.13
C ASP C 65 -32.33 -5.74 -9.74
N ALA C 66 -32.47 -6.25 -10.97
CA ALA C 66 -33.73 -6.11 -11.69
C ALA C 66 -34.85 -6.93 -11.05
N ASP C 67 -34.50 -8.02 -10.35
CA ASP C 67 -35.51 -8.85 -9.70
C ASP C 67 -35.87 -8.33 -8.31
N THR C 68 -34.87 -8.20 -7.43
CA THR C 68 -35.10 -7.81 -6.05
C THR C 68 -35.21 -6.30 -5.87
N LYS C 69 -34.75 -5.52 -6.84
CA LYS C 69 -34.70 -4.06 -6.76
C LYS C 69 -33.73 -3.56 -5.70
N ILE C 70 -32.78 -4.38 -5.26
CA ILE C 70 -31.85 -4.01 -4.20
C ILE C 70 -30.58 -3.41 -4.80
N TRP C 71 -30.17 -2.25 -4.29
CA TRP C 71 -28.96 -1.58 -4.72
C TRP C 71 -27.74 -2.18 -4.04
N ASN C 72 -26.67 -2.39 -4.80
CA ASN C 72 -25.43 -2.86 -4.21
C ASN C 72 -24.40 -1.73 -4.24
N GLY C 73 -23.17 -2.05 -3.83
CA GLY C 73 -22.09 -1.10 -3.97
C GLY C 73 -22.21 0.14 -3.06
N MET C 74 -21.50 1.19 -3.48
CA MET C 74 -21.52 2.45 -2.76
C MET C 74 -22.91 3.06 -2.75
N VAL C 75 -23.61 2.97 -3.88
CA VAL C 75 -24.99 3.46 -3.92
C VAL C 75 -25.83 2.77 -2.85
N GLY C 76 -25.68 1.45 -2.74
CA GLY C 76 -26.41 0.72 -1.72
C GLY C 76 -26.07 1.17 -0.32
N GLU C 77 -24.79 1.44 -0.06
CA GLU C 77 -24.41 1.89 1.28
CA GLU C 77 -24.39 1.90 1.27
C GLU C 77 -25.13 3.18 1.64
N LEU C 78 -25.30 4.09 0.67
CA LEU C 78 -26.05 5.32 0.92
C LEU C 78 -27.54 5.04 1.06
N VAL C 79 -28.11 4.29 0.12
CA VAL C 79 -29.55 4.04 0.10
C VAL C 79 -30.03 3.40 1.40
N TYR C 80 -29.26 2.46 1.95
CA TYR C 80 -29.68 1.70 3.12
C TYR C 80 -29.11 2.24 4.42
N GLY C 81 -28.50 3.41 4.41
CA GLY C 81 -28.13 4.08 5.63
C GLY C 81 -26.82 3.65 6.25
N LYS C 82 -25.98 2.92 5.51
CA LYS C 82 -24.72 2.40 6.04
C LYS C 82 -23.58 3.39 5.97
N ALA C 83 -23.69 4.41 5.11
CA ALA C 83 -22.72 5.47 5.00
C ALA C 83 -23.45 6.80 4.84
N ASP C 84 -22.77 7.87 5.23
CA ASP C 84 -23.33 9.22 5.18
C ASP C 84 -22.99 9.96 3.89
N ILE C 85 -21.96 9.53 3.18
CA ILE C 85 -21.48 10.24 2.00
C ILE C 85 -20.57 9.29 1.26
N ALA C 86 -20.54 9.43 -0.07
CA ALA C 86 -19.63 8.69 -0.93
C ALA C 86 -18.70 9.70 -1.60
N ILE C 87 -17.40 9.50 -1.43
CA ILE C 87 -16.38 10.36 -2.01
C ILE C 87 -15.50 9.43 -2.81
N ALA C 88 -15.79 9.33 -4.12
CA ALA C 88 -15.29 8.27 -4.97
C ALA C 88 -15.55 8.65 -6.41
N PRO C 89 -14.96 7.92 -7.37
CA PRO C 89 -15.26 8.22 -8.78
C PRO C 89 -16.61 7.63 -9.16
N LEU C 90 -17.66 8.18 -8.55
CA LEU C 90 -19.03 7.71 -8.71
C LEU C 90 -19.72 8.55 -9.78
N THR C 91 -20.12 7.90 -10.87
CA THR C 91 -20.65 8.60 -12.02
C THR C 91 -22.08 9.07 -11.75
N ILE C 92 -22.34 10.34 -12.07
CA ILE C 92 -23.69 10.87 -12.03
C ILE C 92 -24.53 10.18 -13.11
N THR C 93 -25.63 9.54 -12.71
CA THR C 93 -26.53 8.92 -13.66
C THR C 93 -27.97 9.20 -13.27
N TYR C 94 -28.86 9.04 -14.25
CA TYR C 94 -30.28 9.25 -14.04
C TYR C 94 -30.84 8.31 -12.96
N VAL C 95 -30.59 7.01 -13.09
CA VAL C 95 -31.21 6.09 -12.14
C VAL C 95 -30.63 6.27 -10.74
N ARG C 96 -29.37 6.67 -10.63
CA ARG C 96 -28.81 6.97 -9.30
C ARG C 96 -29.37 8.27 -8.76
N GLU C 97 -29.53 9.28 -9.63
CA GLU C 97 -30.06 10.57 -9.19
C GLU C 97 -31.46 10.42 -8.61
N GLU C 98 -32.20 9.40 -9.05
CA GLU C 98 -33.54 9.18 -8.52
C GLU C 98 -33.53 8.77 -7.06
N VAL C 99 -32.45 8.14 -6.59
CA VAL C 99 -32.45 7.54 -5.26
C VAL C 99 -31.43 8.16 -4.31
N ILE C 100 -30.41 8.88 -4.79
CA ILE C 100 -29.44 9.57 -3.94
C ILE C 100 -29.23 10.98 -4.48
N ASP C 101 -28.61 11.84 -3.67
CA ASP C 101 -28.24 13.18 -4.08
C ASP C 101 -26.79 13.19 -4.57
N PHE C 102 -26.51 14.02 -5.57
CA PHE C 102 -25.17 14.22 -6.11
C PHE C 102 -24.81 15.70 -6.05
N SER C 103 -23.57 15.98 -5.67
CA SER C 103 -23.03 17.31 -5.84
C SER C 103 -22.86 17.61 -7.32
N LYS C 104 -22.62 18.89 -7.63
CA LYS C 104 -22.09 19.23 -8.94
C LYS C 104 -20.83 18.42 -9.18
N PRO C 105 -20.48 18.13 -10.43
CA PRO C 105 -19.36 17.22 -10.68
C PRO C 105 -18.02 17.81 -10.27
N PHE C 106 -17.15 16.94 -9.72
CA PHE C 106 -15.79 17.34 -9.39
C PHE C 106 -14.78 16.90 -10.44
N MET C 107 -15.17 16.07 -11.40
CA MET C 107 -14.25 15.64 -12.47
C MET C 107 -15.08 15.18 -13.67
N SER C 108 -14.60 15.53 -14.86
CA SER C 108 -15.26 15.15 -16.11
CA SER C 108 -15.26 15.15 -16.11
C SER C 108 -14.68 13.85 -16.65
N LEU C 109 -15.53 13.09 -17.35
CA LEU C 109 -15.07 11.86 -17.99
C LEU C 109 -16.06 11.46 -19.07
N GLY C 110 -15.61 10.55 -19.93
CA GLY C 110 -16.49 9.84 -20.83
C GLY C 110 -16.00 8.41 -21.00
N ILE C 111 -16.91 7.54 -21.45
CA ILE C 111 -16.51 6.18 -21.76
C ILE C 111 -15.50 6.22 -22.91
N SER C 112 -14.50 5.34 -22.84
CA SER C 112 -13.40 5.35 -23.79
C SER C 112 -12.92 3.93 -23.99
N ILE C 113 -12.00 3.77 -24.94
CA ILE C 113 -11.47 2.45 -25.33
C ILE C 113 -10.01 2.38 -24.92
N MET C 114 -9.66 1.30 -24.22
CA MET C 114 -8.28 0.97 -23.88
C MET C 114 -7.84 -0.22 -24.73
N ILE C 115 -6.73 -0.07 -25.44
CA ILE C 115 -6.14 -1.17 -26.19
C ILE C 115 -4.72 -1.41 -25.72
N LYS C 116 -4.26 -2.63 -25.95
CA LYS C 116 -2.84 -2.92 -25.96
CA LYS C 116 -2.84 -2.93 -25.96
C LYS C 116 -2.22 -2.22 -27.16
N LYS C 117 -1.08 -1.58 -26.96
CA LYS C 117 -0.47 -0.82 -28.05
C LYS C 117 -0.31 -1.69 -29.28
N GLY C 118 -0.66 -1.12 -30.44
CA GLY C 118 -0.59 -1.83 -31.69
C GLY C 118 -1.85 -2.55 -32.11
N THR C 119 -2.84 -2.64 -31.23
CA THR C 119 -4.10 -3.28 -31.61
C THR C 119 -4.74 -2.49 -32.76
N PRO C 120 -5.23 -3.18 -33.87
CA PRO C 120 -5.81 -2.44 -35.01
C PRO C 120 -7.26 -2.04 -34.77
N ILE C 121 -7.44 -1.15 -33.80
CA ILE C 121 -8.73 -0.59 -33.42
C ILE C 121 -8.54 0.89 -33.16
N GLU C 122 -9.38 1.74 -33.77
CA GLU C 122 -9.36 3.16 -33.42
C GLU C 122 -10.72 3.71 -33.01
N SER C 123 -11.76 2.89 -32.94
CA SER C 123 -13.09 3.42 -32.66
C SER C 123 -14.01 2.33 -32.16
N ALA C 124 -15.10 2.74 -31.53
CA ALA C 124 -16.14 1.79 -31.17
C ALA C 124 -16.75 1.15 -32.41
N GLU C 125 -16.92 1.91 -33.49
CA GLU C 125 -17.42 1.30 -34.72
C GLU C 125 -16.46 0.20 -35.18
N ASP C 126 -15.15 0.44 -35.09
CA ASP C 126 -14.19 -0.60 -35.43
C ASP C 126 -14.43 -1.86 -34.61
N LEU C 127 -14.58 -1.72 -33.30
CA LEU C 127 -14.83 -2.90 -32.46
C LEU C 127 -16.09 -3.61 -32.89
N SER C 128 -17.14 -2.86 -33.22
CA SER C 128 -18.45 -3.45 -33.48
C SER C 128 -18.48 -4.24 -34.79
N LYS C 129 -17.55 -3.99 -35.70
CA LYS C 129 -17.58 -4.58 -37.03
C LYS C 129 -16.66 -5.78 -37.18
N GLN C 130 -16.14 -6.32 -36.08
CA GLN C 130 -15.23 -7.44 -36.13
C GLN C 130 -15.49 -8.33 -34.93
N THR C 131 -14.86 -9.52 -34.95
CA THR C 131 -15.04 -10.50 -33.89
C THR C 131 -13.75 -11.08 -33.37
N GLU C 132 -12.60 -10.80 -33.99
CA GLU C 132 -11.33 -11.33 -33.52
C GLU C 132 -10.96 -10.77 -32.15
N ILE C 133 -11.28 -9.50 -31.91
CA ILE C 133 -10.91 -8.81 -30.69
C ILE C 133 -12.14 -8.73 -29.80
N ALA C 134 -12.07 -9.39 -28.66
CA ALA C 134 -13.14 -9.33 -27.66
C ALA C 134 -13.07 -8.01 -26.91
N TYR C 135 -14.18 -7.65 -26.28
CA TYR C 135 -14.20 -6.40 -25.53
C TYR C 135 -15.34 -6.46 -24.51
N GLY C 136 -15.13 -5.76 -23.40
CA GLY C 136 -16.11 -5.76 -22.34
C GLY C 136 -15.95 -4.57 -21.42
N THR C 137 -16.69 -4.61 -20.31
CA THR C 137 -16.77 -3.50 -19.37
C THR C 137 -16.67 -4.00 -17.94
N LEU C 138 -16.60 -3.05 -17.00
CA LEU C 138 -16.74 -3.36 -15.59
C LEU C 138 -18.17 -3.75 -15.27
N ASP C 139 -18.33 -4.68 -14.32
CA ASP C 139 -19.63 -5.02 -13.77
C ASP C 139 -20.13 -3.96 -12.80
N SER C 140 -21.46 -3.87 -12.68
CA SER C 140 -22.11 -3.13 -11.61
C SER C 140 -21.81 -1.64 -11.65
N GLY C 141 -21.55 -1.10 -12.84
CA GLY C 141 -21.20 0.29 -13.00
C GLY C 141 -21.96 0.96 -14.12
N SER C 142 -21.66 2.23 -14.32
CA SER C 142 -22.38 3.04 -15.30
C SER C 142 -21.98 2.71 -16.73
N THR C 143 -20.78 2.20 -16.96
CA THR C 143 -20.41 1.89 -18.33
C THR C 143 -21.22 0.72 -18.85
N LYS C 144 -21.39 -0.34 -18.06
CA LYS C 144 -22.21 -1.47 -18.49
C LYS C 144 -23.63 -1.02 -18.79
N GLU C 145 -24.20 -0.22 -17.89
CA GLU C 145 -25.56 0.27 -18.08
C GLU C 145 -25.67 1.15 -19.32
N PHE C 146 -24.62 1.91 -19.65
CA PHE C 146 -24.65 2.71 -20.89
C PHE C 146 -24.93 1.83 -22.09
N PHE C 147 -24.22 0.72 -22.21
CA PHE C 147 -24.41 -0.13 -23.39
C PHE C 147 -25.74 -0.85 -23.34
N ARG C 148 -26.14 -1.32 -22.14
CA ARG C 148 -27.41 -2.04 -22.00
C ARG C 148 -28.59 -1.17 -22.41
N ARG C 149 -28.51 0.13 -22.15
N ARG C 149 -28.51 0.13 -22.14
CA ARG C 149 -29.63 1.04 -22.36
CA ARG C 149 -29.63 1.03 -22.37
C ARG C 149 -29.52 1.87 -23.63
C ARG C 149 -29.58 1.75 -23.72
N SER C 150 -28.44 1.72 -24.41
CA SER C 150 -28.28 2.56 -25.59
C SER C 150 -29.23 2.15 -26.70
N LYS C 151 -29.82 3.17 -27.34
CA LYS C 151 -30.58 3.01 -28.57
C LYS C 151 -29.76 3.31 -29.82
N ILE C 152 -28.49 3.68 -29.66
CA ILE C 152 -27.63 3.97 -30.80
C ILE C 152 -27.14 2.66 -31.41
N ALA C 153 -27.25 2.53 -32.73
CA ALA C 153 -27.03 1.24 -33.38
C ALA C 153 -25.69 0.63 -33.02
N VAL C 154 -24.60 1.40 -33.13
CA VAL C 154 -23.28 0.84 -32.86
C VAL C 154 -23.20 0.30 -31.44
N PHE C 155 -23.75 1.03 -30.47
CA PHE C 155 -23.63 0.59 -29.08
C PHE C 155 -24.59 -0.54 -28.75
N ASP C 156 -25.77 -0.57 -29.37
CA ASP C 156 -26.64 -1.73 -29.23
C ASP C 156 -25.99 -2.98 -29.82
N LYS C 157 -25.33 -2.83 -30.96
CA LYS C 157 -24.63 -3.96 -31.56
C LYS C 157 -23.55 -4.46 -30.62
N MET C 158 -22.78 -3.54 -30.03
CA MET C 158 -21.74 -3.92 -29.07
C MET C 158 -22.35 -4.61 -27.85
N TRP C 159 -23.44 -4.07 -27.31
CA TRP C 159 -24.10 -4.69 -26.16
C TRP C 159 -24.60 -6.09 -26.51
N THR C 160 -25.21 -6.25 -27.68
CA THR C 160 -25.73 -7.55 -28.08
C THR C 160 -24.62 -8.59 -28.12
N TYR C 161 -23.42 -8.17 -28.52
CA TYR C 161 -22.28 -9.07 -28.47
C TYR C 161 -21.83 -9.31 -27.04
N MET C 162 -21.64 -8.24 -26.26
CA MET C 162 -21.03 -8.39 -24.94
C MET C 162 -21.89 -9.23 -24.02
N ARG C 163 -23.22 -9.04 -24.09
CA ARG C 163 -24.09 -9.69 -23.13
C ARG C 163 -24.08 -11.20 -23.27
N SER C 164 -23.78 -11.72 -24.46
CA SER C 164 -23.80 -13.15 -24.73
CA SER C 164 -23.79 -13.16 -24.71
C SER C 164 -22.41 -13.74 -24.94
N ALA C 165 -21.35 -12.94 -24.90
CA ALA C 165 -20.02 -13.44 -25.18
C ALA C 165 -19.61 -14.49 -24.15
N GLU C 166 -18.90 -15.51 -24.62
CA GLU C 166 -18.40 -16.61 -23.78
C GLU C 166 -16.92 -16.85 -24.10
N PRO C 167 -16.05 -16.87 -23.07
CA PRO C 167 -16.32 -16.59 -21.66
C PRO C 167 -16.68 -15.13 -21.45
N SER C 168 -17.17 -14.80 -20.26
CA SER C 168 -17.63 -13.46 -19.96
C SER C 168 -16.57 -12.43 -20.33
N VAL C 169 -16.99 -11.34 -20.98
CA VAL C 169 -16.09 -10.22 -21.25
C VAL C 169 -16.11 -9.18 -20.14
N PHE C 170 -16.94 -9.37 -19.12
CA PHE C 170 -17.06 -8.40 -18.05
C PHE C 170 -16.09 -8.73 -16.93
N VAL C 171 -15.62 -7.69 -16.24
CA VAL C 171 -14.65 -7.85 -15.18
C VAL C 171 -15.22 -7.26 -13.90
N ARG C 172 -14.70 -7.73 -12.78
CA ARG C 172 -15.15 -7.28 -11.47
C ARG C 172 -14.43 -6.03 -10.98
N THR C 173 -13.22 -5.77 -11.48
CA THR C 173 -12.45 -4.60 -11.08
C THR C 173 -11.73 -4.04 -12.30
N THR C 174 -11.43 -2.75 -12.24
CA THR C 174 -10.66 -2.11 -13.30
C THR C 174 -9.33 -2.83 -13.50
N ALA C 175 -8.68 -3.24 -12.39
CA ALA C 175 -7.40 -3.93 -12.50
C ALA C 175 -7.52 -5.22 -13.32
N GLU C 176 -8.61 -5.97 -13.12
CA GLU C 176 -8.82 -7.17 -13.91
C GLU C 176 -8.94 -6.84 -15.38
N GLY C 177 -9.63 -5.74 -15.71
CA GLY C 177 -9.73 -5.34 -17.10
C GLY C 177 -8.38 -4.97 -17.68
N VAL C 178 -7.56 -4.25 -16.92
CA VAL C 178 -6.22 -3.89 -17.39
C VAL C 178 -5.39 -5.12 -17.64
N ALA C 179 -5.40 -6.07 -16.70
CA ALA C 179 -4.64 -7.31 -16.87
C ALA C 179 -5.09 -8.03 -18.13
N ARG C 180 -6.40 -8.08 -18.38
CA ARG C 180 -6.89 -8.78 -19.56
C ARG C 180 -6.40 -8.12 -20.84
N VAL C 181 -6.37 -6.79 -20.87
CA VAL C 181 -5.81 -6.10 -22.01
C VAL C 181 -4.34 -6.46 -22.16
N ARG C 182 -3.59 -6.36 -21.07
CA ARG C 182 -2.15 -6.53 -21.14
C ARG C 182 -1.73 -7.95 -21.49
N LYS C 183 -2.53 -8.95 -21.11
CA LYS C 183 -2.15 -10.35 -21.29
CA LYS C 183 -2.14 -10.34 -21.29
C LYS C 183 -2.72 -10.98 -22.54
N SER C 184 -3.65 -10.31 -23.25
CA SER C 184 -4.37 -10.96 -24.33
C SER C 184 -3.79 -10.69 -25.72
N LYS C 185 -2.57 -10.17 -25.80
CA LYS C 185 -1.86 -10.08 -27.09
C LYS C 185 -2.66 -9.31 -28.13
N GLY C 186 -3.40 -8.30 -27.67
CA GLY C 186 -4.20 -7.47 -28.56
C GLY C 186 -5.57 -8.00 -28.88
N LYS C 187 -5.97 -9.12 -28.27
CA LYS C 187 -7.26 -9.74 -28.57
C LYS C 187 -8.34 -9.37 -27.56
N TYR C 188 -8.06 -8.42 -26.66
CA TYR C 188 -9.08 -7.88 -25.77
C TYR C 188 -8.90 -6.39 -25.66
N ALA C 189 -10.01 -5.66 -25.77
CA ALA C 189 -10.04 -4.22 -25.57
C ALA C 189 -11.03 -3.96 -24.45
N TYR C 190 -10.73 -2.96 -23.63
CA TYR C 190 -11.50 -2.71 -22.42
C TYR C 190 -12.17 -1.35 -22.54
N LEU C 191 -13.46 -1.32 -22.25
CA LEU C 191 -14.26 -0.10 -22.29
C LEU C 191 -14.35 0.44 -20.86
N LEU C 192 -13.81 1.63 -20.65
CA LEU C 192 -13.73 2.19 -19.31
C LEU C 192 -13.68 3.70 -19.41
N GLU C 193 -13.80 4.34 -18.26
CA GLU C 193 -13.89 5.78 -18.23
C GLU C 193 -12.54 6.43 -18.54
N SER C 194 -12.60 7.53 -19.28
CA SER C 194 -11.39 8.18 -19.79
C SER C 194 -10.40 8.51 -18.68
N THR C 195 -10.92 8.93 -17.52
CA THR C 195 -10.09 9.18 -16.34
C THR C 195 -9.20 7.98 -16.00
N MET C 196 -9.82 6.81 -15.84
CA MET C 196 -9.05 5.61 -15.51
CA MET C 196 -9.03 5.64 -15.49
C MET C 196 -8.11 5.24 -16.64
N ASN C 197 -8.60 5.35 -17.88
CA ASN C 197 -7.80 5.04 -19.05
C ASN C 197 -6.53 5.88 -19.09
N GLU C 198 -6.66 7.20 -18.89
CA GLU C 198 -5.51 8.10 -18.98
C GLU C 198 -4.55 7.88 -17.82
N TYR C 199 -5.05 7.49 -16.66
CA TYR C 199 -4.16 7.13 -15.54
C TYR C 199 -3.31 5.91 -15.90
N ILE C 200 -3.95 4.85 -16.38
CA ILE C 200 -3.26 3.60 -16.70
CA ILE C 200 -3.24 3.61 -16.68
C ILE C 200 -2.24 3.82 -17.81
N GLU C 201 -2.56 4.72 -18.76
CA GLU C 201 -1.64 5.04 -19.83
C GLU C 201 -0.30 5.55 -19.31
N GLN C 202 -0.28 6.11 -18.10
CA GLN C 202 0.96 6.62 -17.54
CA GLN C 202 0.91 6.66 -17.47
C GLN C 202 1.57 5.70 -16.49
N ARG C 203 1.12 4.45 -16.44
CA ARG C 203 1.68 3.46 -15.53
C ARG C 203 2.48 2.42 -16.30
N LYS C 204 3.55 1.93 -15.67
CA LYS C 204 4.34 0.86 -16.25
C LYS C 204 3.49 -0.39 -16.42
N PRO C 205 3.75 -1.19 -17.45
CA PRO C 205 4.85 -1.05 -18.42
C PRO C 205 4.53 -0.21 -19.65
N CYS C 206 3.57 0.71 -19.55
CA CYS C 206 3.31 1.68 -20.60
C CYS C 206 2.94 0.98 -21.91
N ASP C 207 2.08 -0.04 -21.82
CA ASP C 207 1.74 -0.87 -22.96
C ASP C 207 0.28 -0.74 -23.37
N THR C 208 -0.43 0.22 -22.79
CA THR C 208 -1.82 0.47 -23.14
C THR C 208 -1.96 1.89 -23.68
N MET C 209 -3.05 2.12 -24.40
CA MET C 209 -3.33 3.47 -24.83
C MET C 209 -4.82 3.65 -25.04
N LYS C 210 -5.26 4.89 -24.89
CA LYS C 210 -6.63 5.30 -25.16
C LYS C 210 -6.75 5.65 -26.62
N VAL C 211 -7.79 5.12 -27.29
CA VAL C 211 -7.98 5.35 -28.72
C VAL C 211 -9.39 5.86 -28.98
N GLY C 212 -9.50 6.72 -29.98
CA GLY C 212 -10.78 7.26 -30.37
C GLY C 212 -11.24 8.34 -29.42
N GLY C 213 -12.37 8.94 -29.79
CA GLY C 213 -13.00 9.90 -28.91
C GLY C 213 -13.80 9.22 -27.84
N ASN C 214 -14.20 9.99 -26.84
CA ASN C 214 -15.07 9.46 -25.82
C ASN C 214 -16.47 9.21 -26.40
N LEU C 215 -17.17 8.22 -25.83
CA LEU C 215 -18.49 7.83 -26.31
C LEU C 215 -19.62 8.66 -25.70
N ASP C 216 -19.36 9.30 -24.58
CA ASP C 216 -20.33 10.16 -23.92
C ASP C 216 -19.57 11.18 -23.08
N SER C 217 -20.32 12.03 -22.39
CA SER C 217 -19.76 13.11 -21.59
C SER C 217 -20.55 13.23 -20.31
N LYS C 218 -19.88 13.04 -19.17
CA LYS C 218 -20.54 13.12 -17.88
C LYS C 218 -19.49 13.46 -16.82
N GLY C 219 -19.80 13.19 -15.55
CA GLY C 219 -18.91 13.54 -14.46
C GLY C 219 -19.14 12.69 -13.23
N TYR C 220 -18.15 12.73 -12.34
CA TYR C 220 -18.28 12.16 -11.01
C TYR C 220 -18.82 13.22 -10.05
N GLY C 221 -19.68 12.79 -9.12
CA GLY C 221 -20.17 13.68 -8.09
C GLY C 221 -20.04 13.04 -6.72
N ILE C 222 -19.98 13.90 -5.71
CA ILE C 222 -20.02 13.43 -4.33
CA ILE C 222 -20.03 13.46 -4.32
C ILE C 222 -21.47 13.15 -3.97
N ALA C 223 -21.73 11.95 -3.46
CA ALA C 223 -23.09 11.51 -3.27
C ALA C 223 -23.45 11.40 -1.80
N THR C 224 -24.70 11.72 -1.50
CA THR C 224 -25.26 11.68 -0.16
C THR C 224 -26.63 11.03 -0.23
N PRO C 225 -27.12 10.47 0.88
CA PRO C 225 -28.49 9.96 0.91
C PRO C 225 -29.47 11.07 0.58
N LYS C 226 -30.59 10.69 -0.03
CA LYS C 226 -31.52 11.69 -0.52
C LYS C 226 -32.02 12.56 0.62
N GLY C 227 -31.91 13.88 0.45
CA GLY C 227 -32.37 14.81 1.45
C GLY C 227 -31.41 15.03 2.59
N SER C 228 -30.20 14.47 2.52
CA SER C 228 -29.23 14.67 3.59
C SER C 228 -28.90 16.15 3.72
N SER C 229 -28.82 16.62 4.97
CA SER C 229 -28.48 18.01 5.22
C SER C 229 -27.03 18.32 4.84
N LEU C 230 -26.20 17.29 4.68
CA LEU C 230 -24.81 17.48 4.28
C LEU C 230 -24.67 17.94 2.84
N GLY C 231 -25.66 17.66 1.99
CA GLY C 231 -25.48 17.86 0.56
C GLY C 231 -25.15 19.29 0.19
N ASN C 232 -25.86 20.25 0.78
CA ASN C 232 -25.71 21.64 0.37
C ASN C 232 -24.28 22.12 0.58
N ALA C 233 -23.73 21.87 1.76
CA ALA C 233 -22.38 22.33 2.07
C ALA C 233 -21.34 21.64 1.19
N VAL C 234 -21.50 20.32 1.00
CA VAL C 234 -20.54 19.57 0.19
C VAL C 234 -20.54 20.10 -1.24
N ASN C 235 -21.72 20.41 -1.77
CA ASN C 235 -21.83 20.91 -3.13
C ASN C 235 -21.09 22.25 -3.29
N LEU C 236 -21.31 23.17 -2.37
CA LEU C 236 -20.60 24.44 -2.42
C LEU C 236 -19.09 24.22 -2.29
N ALA C 237 -18.68 23.25 -1.46
CA ALA C 237 -17.26 23.00 -1.31
C ALA C 237 -16.64 22.53 -2.62
N VAL C 238 -17.35 21.70 -3.38
CA VAL C 238 -16.84 21.25 -4.68
C VAL C 238 -16.65 22.43 -5.60
N LEU C 239 -17.64 23.31 -5.67
CA LEU C 239 -17.52 24.46 -6.56
C LEU C 239 -16.40 25.39 -6.12
N LYS C 240 -16.24 25.59 -4.81
CA LYS C 240 -15.18 26.46 -4.32
C LYS C 240 -13.81 25.89 -4.70
N LEU C 241 -13.61 24.61 -4.43
CA LEU C 241 -12.34 23.96 -4.78
C LEU C 241 -12.09 24.02 -6.28
N SER C 242 -13.15 23.86 -7.07
CA SER C 242 -13.02 23.94 -8.51
C SER C 242 -12.56 25.34 -8.93
N GLU C 243 -13.23 26.37 -8.43
CA GLU C 243 -12.92 27.74 -8.83
C GLU C 243 -11.57 28.19 -8.31
N GLN C 244 -11.11 27.60 -7.20
CA GLN C 244 -9.79 27.92 -6.67
C GLN C 244 -8.67 27.20 -7.41
N GLY C 245 -9.01 26.30 -8.33
CA GLY C 245 -8.01 25.55 -9.08
C GLY C 245 -7.47 24.34 -8.35
N LEU C 246 -7.95 24.03 -7.15
CA LEU C 246 -7.41 22.93 -6.36
CA LEU C 246 -7.37 22.94 -6.39
C LEU C 246 -7.70 21.59 -7.01
N LEU C 247 -8.88 21.44 -7.61
CA LEU C 247 -9.19 20.16 -8.25
C LEU C 247 -8.24 19.88 -9.41
N ASP C 248 -7.90 20.91 -10.17
CA ASP C 248 -6.94 20.74 -11.25
C ASP C 248 -5.57 20.34 -10.71
N LYS C 249 -5.16 20.95 -9.59
CA LYS C 249 -3.88 20.58 -9.00
C LYS C 249 -3.89 19.12 -8.53
N LEU C 250 -5.00 18.68 -7.94
CA LEU C 250 -5.10 17.29 -7.47
C LEU C 250 -5.07 16.31 -8.63
N LYS C 251 -5.76 16.64 -9.72
CA LYS C 251 -5.70 15.78 -10.90
C LYS C 251 -4.26 15.63 -11.38
N ASN C 252 -3.55 16.75 -11.52
CA ASN C 252 -2.15 16.68 -11.98
C ASN C 252 -1.30 15.88 -11.00
N LYS C 253 -1.53 16.05 -9.70
CA LYS C 253 -0.74 15.36 -8.69
C LYS C 253 -0.82 13.85 -8.87
N TRP C 254 -2.03 13.33 -9.05
CA TRP C 254 -2.23 11.89 -8.99
C TRP C 254 -2.20 11.20 -10.35
N TRP C 255 -2.29 11.95 -11.45
CA TRP C 255 -2.27 11.37 -12.79
C TRP C 255 -0.91 11.50 -13.46
N TYR C 256 -0.31 12.68 -13.39
CA TYR C 256 0.79 13.03 -14.28
C TYR C 256 2.07 13.38 -13.55
N ASP C 257 2.00 14.06 -12.40
CA ASP C 257 3.20 14.50 -11.72
C ASP C 257 4.15 13.34 -11.46
N LYS C 258 3.62 12.17 -11.13
CA LYS C 258 4.46 11.00 -10.93
C LYS C 258 4.01 9.87 -11.85
N GLY C 259 3.62 10.21 -13.07
CA GLY C 259 3.48 9.23 -14.11
C GLY C 259 4.79 8.48 -14.28
N GLU C 260 4.71 7.24 -14.74
CA GLU C 260 5.88 6.36 -14.86
C GLU C 260 6.32 6.15 -16.30
N CYS C 261 5.70 6.84 -17.26
CA CYS C 261 5.96 6.60 -18.67
C CYS C 261 6.64 7.80 -19.34
N GLY C 262 7.40 8.57 -18.57
CA GLY C 262 8.15 9.69 -19.11
C GLY C 262 7.39 11.00 -19.04
N SER C 263 7.99 12.01 -19.65
CA SER C 263 7.35 13.32 -19.75
C SER C 263 6.84 13.56 -21.17
N ALA D 2 -53.14 31.60 -19.82
CA ALA D 2 -51.98 32.24 -19.21
C ALA D 2 -51.71 31.65 -17.83
N ASN D 3 -52.75 31.13 -17.18
CA ASN D 3 -52.56 30.44 -15.92
C ASN D 3 -51.74 29.17 -16.13
N LYS D 4 -51.08 28.73 -15.05
CA LYS D 4 -50.26 27.52 -15.06
C LYS D 4 -49.20 27.55 -16.15
N THR D 5 -48.70 28.74 -16.46
CA THR D 5 -47.65 28.89 -17.46
C THR D 5 -46.35 29.21 -16.75
N VAL D 6 -45.33 28.39 -17.00
CA VAL D 6 -44.02 28.59 -16.40
C VAL D 6 -43.33 29.73 -17.15
N VAL D 7 -42.84 30.71 -16.40
CA VAL D 7 -42.12 31.82 -17.01
C VAL D 7 -40.65 31.44 -17.10
N VAL D 8 -40.15 31.34 -18.33
CA VAL D 8 -38.77 31.00 -18.61
C VAL D 8 -38.03 32.28 -18.94
N THR D 9 -37.01 32.61 -18.14
CA THR D 9 -36.13 33.71 -18.52
C THR D 9 -34.95 33.15 -19.31
N THR D 10 -34.57 33.86 -20.36
CA THR D 10 -33.43 33.48 -21.17
C THR D 10 -32.84 34.76 -21.77
N ILE D 11 -31.85 34.61 -22.64
CA ILE D 11 -31.06 35.75 -23.11
C ILE D 11 -30.76 35.55 -24.59
N LEU D 12 -30.74 36.65 -25.33
CA LEU D 12 -30.43 36.60 -26.76
C LEU D 12 -28.94 36.43 -26.91
N GLU D 13 -28.51 35.20 -27.17
CA GLU D 13 -27.11 34.85 -27.30
C GLU D 13 -27.02 33.72 -28.30
N SER D 14 -26.34 33.94 -29.42
CA SER D 14 -26.30 32.91 -30.47
C SER D 14 -25.35 31.78 -30.08
N PRO D 15 -25.70 30.52 -30.41
CA PRO D 15 -26.90 30.00 -31.06
C PRO D 15 -27.92 29.45 -30.05
N TYR D 16 -27.89 29.97 -28.83
CA TYR D 16 -28.76 29.49 -27.77
C TYR D 16 -30.18 30.00 -27.95
N VAL D 17 -30.33 31.31 -28.12
CA VAL D 17 -31.62 31.93 -28.43
C VAL D 17 -31.36 33.01 -29.45
N MET D 18 -32.07 32.94 -30.59
CA MET D 18 -31.94 33.88 -31.67
C MET D 18 -33.32 34.24 -32.20
N MET D 19 -33.46 35.46 -32.71
CA MET D 19 -34.67 35.85 -33.41
C MET D 19 -34.74 35.11 -34.74
N LYS D 20 -35.85 34.43 -34.99
CA LYS D 20 -36.04 33.76 -36.26
C LYS D 20 -36.09 34.78 -37.40
N LYS D 21 -35.71 34.34 -38.59
CA LYS D 21 -36.00 35.12 -39.78
C LYS D 21 -37.50 35.35 -39.83
N ASN D 22 -37.89 36.59 -40.12
CA ASN D 22 -39.29 36.96 -40.21
CA ASN D 22 -39.27 37.05 -40.20
C ASN D 22 -39.99 37.01 -38.86
N HIS D 23 -39.23 37.07 -37.76
CA HIS D 23 -39.82 37.07 -36.43
C HIS D 23 -40.81 38.20 -36.21
N GLU D 24 -40.75 39.27 -37.00
CA GLU D 24 -41.63 40.39 -36.73
C GLU D 24 -43.09 40.06 -37.01
N MET D 25 -43.38 39.02 -37.81
CA MET D 25 -44.77 38.60 -37.99
C MET D 25 -45.12 37.38 -37.15
N LEU D 26 -44.21 36.91 -36.30
CA LEU D 26 -44.46 35.80 -35.39
C LEU D 26 -44.79 36.32 -34.00
N GLU D 27 -45.26 35.42 -33.13
CA GLU D 27 -45.64 35.81 -31.78
C GLU D 27 -45.28 34.71 -30.80
N GLY D 28 -45.14 35.11 -29.53
CA GLY D 28 -44.89 34.17 -28.46
C GLY D 28 -43.59 33.40 -28.67
N ASN D 29 -43.61 32.13 -28.25
CA ASN D 29 -42.39 31.32 -28.31
C ASN D 29 -41.90 31.11 -29.72
N GLU D 30 -42.79 31.21 -30.72
CA GLU D 30 -42.40 30.99 -32.11
C GLU D 30 -41.48 32.08 -32.65
N ARG D 31 -41.29 33.19 -31.93
CA ARG D 31 -40.36 34.21 -32.41
C ARG D 31 -38.92 33.74 -32.38
N TYR D 32 -38.60 32.72 -31.58
CA TYR D 32 -37.24 32.41 -31.20
C TYR D 32 -36.83 31.04 -31.71
N GLU D 33 -35.53 30.87 -31.94
CA GLU D 33 -35.00 29.57 -32.27
C GLU D 33 -33.62 29.44 -31.65
N GLY D 34 -33.17 28.20 -31.51
CA GLY D 34 -31.83 27.96 -31.02
C GLY D 34 -31.74 26.79 -30.07
N TYR D 35 -30.53 26.54 -29.59
CA TYR D 35 -30.27 25.41 -28.71
C TYR D 35 -31.17 25.43 -27.48
N CYS D 36 -31.21 26.56 -26.79
CA CYS D 36 -31.99 26.63 -25.56
C CYS D 36 -33.49 26.69 -25.81
N VAL D 37 -33.90 27.17 -26.99
CA VAL D 37 -35.30 27.07 -27.38
C VAL D 37 -35.70 25.62 -27.55
N ASP D 38 -34.88 24.84 -28.27
CA ASP D 38 -35.11 23.40 -28.39
C ASP D 38 -35.04 22.72 -27.03
N LEU D 39 -34.05 23.09 -26.21
CA LEU D 39 -33.91 22.47 -24.91
C LEU D 39 -35.12 22.75 -24.01
N ALA D 40 -35.61 23.99 -24.03
CA ALA D 40 -36.79 24.32 -23.23
C ALA D 40 -37.96 23.44 -23.62
N ALA D 41 -38.17 23.23 -24.93
CA ALA D 41 -39.27 22.38 -25.38
C ALA D 41 -39.10 20.95 -24.88
N GLU D 42 -37.88 20.41 -24.94
CA GLU D 42 -37.64 19.05 -24.46
C GLU D 42 -37.87 18.96 -22.95
N ILE D 43 -37.34 19.92 -22.20
CA ILE D 43 -37.51 19.91 -20.74
CA ILE D 43 -37.52 19.89 -20.74
C ILE D 43 -39.00 19.98 -20.40
N ALA D 44 -39.71 20.91 -21.03
CA ALA D 44 -41.14 21.09 -20.76
C ALA D 44 -41.93 19.83 -21.07
N LYS D 45 -41.58 19.14 -22.16
CA LYS D 45 -42.27 17.91 -22.49
C LYS D 45 -42.02 16.83 -21.44
N HIS D 46 -40.77 16.69 -21.00
CA HIS D 46 -40.47 15.67 -20.00
C HIS D 46 -41.13 15.98 -18.67
N CYS D 47 -41.20 17.25 -18.29
CA CYS D 47 -41.74 17.64 -17.00
C CYS D 47 -43.23 17.94 -17.04
N GLY D 48 -43.80 18.06 -18.24
CA GLY D 48 -45.22 18.25 -18.39
C GLY D 48 -45.71 19.63 -17.96
N PHE D 49 -45.05 20.70 -18.42
CA PHE D 49 -45.55 22.04 -18.17
C PHE D 49 -45.59 22.85 -19.44
N LYS D 50 -46.49 23.82 -19.46
CA LYS D 50 -46.51 24.85 -20.48
C LYS D 50 -45.63 26.01 -20.01
N TYR D 51 -45.11 26.77 -20.97
CA TYR D 51 -44.13 27.80 -20.63
C TYR D 51 -44.18 28.93 -21.64
N LYS D 52 -43.67 30.08 -21.20
CA LYS D 52 -43.53 31.25 -22.07
C LYS D 52 -42.09 31.72 -21.97
N LEU D 53 -41.41 31.78 -23.12
CA LEU D 53 -40.06 32.31 -23.19
C LEU D 53 -40.08 33.83 -23.10
N THR D 54 -39.26 34.37 -22.19
CA THR D 54 -39.14 35.82 -22.04
C THR D 54 -37.67 36.17 -22.00
N ILE D 55 -37.31 37.22 -22.72
CA ILE D 55 -35.92 37.66 -22.73
C ILE D 55 -35.69 38.53 -21.49
N VAL D 56 -34.62 38.22 -20.76
CA VAL D 56 -34.28 38.93 -19.52
C VAL D 56 -34.29 40.42 -19.79
N GLY D 57 -34.98 41.16 -18.91
CA GLY D 57 -35.24 42.56 -19.18
C GLY D 57 -34.00 43.40 -19.37
N ASP D 58 -32.97 43.16 -18.57
CA ASP D 58 -31.77 43.99 -18.64
C ASP D 58 -30.67 43.39 -19.53
N GLY D 59 -30.94 42.25 -20.17
CA GLY D 59 -29.98 41.70 -21.11
C GLY D 59 -28.72 41.15 -20.48
N LYS D 60 -28.73 40.84 -19.19
CA LYS D 60 -27.55 40.41 -18.45
C LYS D 60 -27.71 38.99 -17.92
N TYR D 61 -26.55 38.35 -17.69
CA TYR D 61 -26.55 37.00 -17.14
C TYR D 61 -26.84 37.00 -15.64
N GLY D 62 -26.04 37.74 -14.87
CA GLY D 62 -26.32 37.89 -13.46
C GLY D 62 -25.09 38.13 -12.61
N ALA D 63 -25.06 39.29 -11.95
CA ALA D 63 -24.03 39.61 -10.97
C ALA D 63 -24.68 40.38 -9.84
N ARG D 64 -24.04 40.34 -8.68
CA ARG D 64 -24.52 41.03 -7.50
C ARG D 64 -23.76 42.35 -7.36
N ASP D 65 -24.51 43.45 -7.31
CA ASP D 65 -23.88 44.76 -7.14
C ASP D 65 -23.13 44.84 -5.82
N ALA D 66 -21.90 45.34 -5.88
CA ALA D 66 -21.06 45.36 -4.68
C ALA D 66 -21.63 46.25 -3.59
N ASP D 67 -22.32 47.34 -3.98
CA ASP D 67 -22.85 48.30 -3.00
C ASP D 67 -24.28 47.96 -2.59
N THR D 68 -25.20 47.87 -3.56
CA THR D 68 -26.58 47.57 -3.23
C THR D 68 -26.78 46.11 -2.90
N LYS D 69 -25.87 45.24 -3.34
CA LYS D 69 -25.95 43.81 -3.13
C LYS D 69 -27.15 43.18 -3.85
N ILE D 70 -27.70 43.90 -4.82
CA ILE D 70 -28.85 43.43 -5.60
C ILE D 70 -28.34 42.64 -6.80
N TRP D 71 -28.98 41.52 -7.06
CA TRP D 71 -28.64 40.72 -8.24
C TRP D 71 -29.34 41.26 -9.47
N ASN D 72 -28.61 41.32 -10.58
CA ASN D 72 -29.23 41.70 -11.85
C ASN D 72 -29.32 40.48 -12.75
N GLY D 73 -29.72 40.72 -13.99
CA GLY D 73 -29.74 39.66 -14.98
C GLY D 73 -30.75 38.55 -14.68
N MET D 74 -30.50 37.41 -15.33
CA MET D 74 -31.38 36.26 -15.15
C MET D 74 -31.36 35.77 -13.71
N VAL D 75 -30.20 35.82 -13.05
CA VAL D 75 -30.13 35.41 -11.66
C VAL D 75 -31.07 36.25 -10.82
N GLY D 76 -31.04 37.57 -11.00
CA GLY D 76 -31.95 38.44 -10.27
C GLY D 76 -33.41 38.13 -10.56
N GLU D 77 -33.73 37.84 -11.82
CA GLU D 77 -35.11 37.49 -12.13
C GLU D 77 -35.56 36.25 -11.36
N LEU D 78 -34.67 35.28 -11.12
CA LEU D 78 -35.02 34.11 -10.32
C LEU D 78 -35.10 34.44 -8.83
N VAL D 79 -34.10 35.16 -8.31
CA VAL D 79 -34.04 35.44 -6.87
C VAL D 79 -35.25 36.25 -6.43
N TYR D 80 -35.69 37.20 -7.27
CA TYR D 80 -36.72 38.15 -6.88
C TYR D 80 -38.10 37.81 -7.45
N GLY D 81 -38.27 36.59 -7.95
CA GLY D 81 -39.59 36.06 -8.23
C GLY D 81 -40.20 36.47 -9.55
N LYS D 82 -39.40 37.00 -10.48
CA LYS D 82 -39.90 37.44 -11.76
C LYS D 82 -40.01 36.32 -12.79
N ALA D 83 -39.22 35.25 -12.65
CA ALA D 83 -39.27 34.12 -13.56
C ALA D 83 -39.20 32.84 -12.75
N ASP D 84 -39.73 31.77 -13.34
CA ASP D 84 -39.77 30.49 -12.66
C ASP D 84 -38.56 29.63 -12.95
N ILE D 85 -37.87 29.87 -14.06
CA ILE D 85 -36.77 29.01 -14.49
C ILE D 85 -35.97 29.81 -15.50
N ALA D 86 -34.67 29.54 -15.54
CA ALA D 86 -33.76 30.12 -16.54
C ALA D 86 -33.21 28.99 -17.39
N ILE D 87 -33.44 29.07 -18.70
CA ILE D 87 -32.94 28.10 -19.63
C ILE D 87 -32.08 28.88 -20.62
N ALA D 88 -30.78 28.86 -20.38
CA ALA D 88 -29.85 29.78 -21.03
C ALA D 88 -28.42 29.31 -20.80
N PRO D 89 -27.44 29.87 -21.52
CA PRO D 89 -26.03 29.55 -21.23
C PRO D 89 -25.55 30.23 -19.96
N LEU D 90 -26.13 29.82 -18.83
CA LEU D 90 -25.86 30.41 -17.53
C LEU D 90 -24.85 29.53 -16.78
N THR D 91 -23.69 30.10 -16.50
CA THR D 91 -22.59 29.32 -15.94
C THR D 91 -22.82 29.02 -14.46
N ILE D 92 -22.62 27.76 -14.09
CA ILE D 92 -22.64 27.35 -12.69
C ILE D 92 -21.45 27.95 -11.98
N THR D 93 -21.71 28.73 -10.93
CA THR D 93 -20.66 29.33 -10.12
C THR D 93 -21.04 29.21 -8.64
N TYR D 94 -20.01 29.28 -7.80
CA TYR D 94 -20.21 29.22 -6.36
C TYR D 94 -21.17 30.32 -5.90
N VAL D 95 -20.91 31.57 -6.31
CA VAL D 95 -21.71 32.67 -5.74
C VAL D 95 -23.16 32.57 -6.18
N ARG D 96 -23.40 32.09 -7.40
CA ARG D 96 -24.77 31.89 -7.86
C ARG D 96 -25.43 30.70 -7.18
N GLU D 97 -24.66 29.61 -6.99
CA GLU D 97 -25.21 28.43 -6.34
C GLU D 97 -25.71 28.74 -4.93
N GLU D 98 -25.14 29.75 -4.29
CA GLU D 98 -25.58 30.15 -2.96
C GLU D 98 -27.00 30.70 -2.96
N VAL D 99 -27.45 31.28 -4.07
CA VAL D 99 -28.72 31.99 -4.08
C VAL D 99 -29.78 31.38 -4.99
N ILE D 100 -29.40 30.52 -5.95
CA ILE D 100 -30.36 29.84 -6.80
C ILE D 100 -29.97 28.36 -6.87
N ASP D 101 -30.89 27.55 -7.38
CA ASP D 101 -30.62 26.14 -7.65
C ASP D 101 -30.20 25.96 -9.11
N PHE D 102 -29.27 25.05 -9.33
CA PHE D 102 -28.82 24.67 -10.66
C PHE D 102 -29.05 23.18 -10.87
N SER D 103 -29.53 22.82 -12.06
CA SER D 103 -29.50 21.44 -12.50
C SER D 103 -28.06 20.99 -12.67
N LYS D 104 -27.89 19.69 -12.79
CA LYS D 104 -26.63 19.17 -13.33
C LYS D 104 -26.39 19.84 -14.68
N PRO D 105 -25.14 19.99 -15.10
CA PRO D 105 -24.86 20.77 -16.30
C PRO D 105 -25.40 20.11 -17.56
N PHE D 106 -25.87 20.94 -18.49
CA PHE D 106 -26.32 20.46 -19.79
C PHE D 106 -25.31 20.71 -20.90
N MET D 107 -24.25 21.47 -20.64
CA MET D 107 -23.21 21.70 -21.62
C MET D 107 -21.94 22.13 -20.92
N SER D 108 -20.80 21.68 -21.44
CA SER D 108 -19.50 22.04 -20.90
CA SER D 108 -19.49 22.04 -20.91
C SER D 108 -18.93 23.23 -21.67
N LEU D 109 -18.09 24.00 -21.00
CA LEU D 109 -17.41 25.10 -21.69
C LEU D 109 -16.16 25.48 -20.91
N GLY D 110 -15.29 26.24 -21.56
CA GLY D 110 -14.21 26.91 -20.89
C GLY D 110 -13.98 28.28 -21.51
N ILE D 111 -13.33 29.15 -20.74
CA ILE D 111 -12.96 30.46 -21.26
C ILE D 111 -11.98 30.30 -22.42
N SER D 112 -12.16 31.10 -23.47
CA SER D 112 -11.35 30.98 -24.69
C SER D 112 -11.04 32.37 -25.24
N ILE D 113 -10.21 32.43 -26.27
CA ILE D 113 -9.74 33.70 -26.87
C ILE D 113 -10.21 33.80 -28.31
N MET D 114 -10.82 34.95 -28.66
CA MET D 114 -11.11 35.33 -30.03
C MET D 114 -10.19 36.46 -30.45
N ILE D 115 -9.52 36.31 -31.59
CA ILE D 115 -8.70 37.36 -32.18
C ILE D 115 -9.19 37.59 -33.61
N LYS D 116 -8.88 38.77 -34.13
CA LYS D 116 -9.07 39.03 -35.54
C LYS D 116 -7.91 38.40 -36.31
N LYS D 117 -8.23 37.76 -37.43
CA LYS D 117 -7.19 37.14 -38.26
C LYS D 117 -6.07 38.14 -38.52
N GLY D 118 -4.84 37.67 -38.37
CA GLY D 118 -3.67 38.50 -38.53
C GLY D 118 -3.11 39.02 -37.22
N THR D 119 -3.85 38.89 -36.13
CA THR D 119 -3.33 39.27 -34.82
C THR D 119 -2.26 38.28 -34.39
N PRO D 120 -1.02 38.75 -33.96
CA PRO D 120 0.04 37.83 -33.51
C PRO D 120 -0.12 37.42 -32.05
N ILE D 121 -1.14 36.62 -31.78
CA ILE D 121 -1.44 36.16 -30.43
C ILE D 121 -1.84 34.69 -30.49
N GLU D 122 -1.24 33.88 -29.60
CA GLU D 122 -1.55 32.45 -29.54
C GLU D 122 -2.11 32.00 -28.20
N SER D 123 -2.08 32.82 -27.16
CA SER D 123 -2.39 32.33 -25.82
C SER D 123 -2.69 33.49 -24.89
N ALA D 124 -3.29 33.16 -23.75
CA ALA D 124 -3.45 34.14 -22.70
C ALA D 124 -2.11 34.66 -22.21
N GLU D 125 -1.10 33.78 -22.12
CA GLU D 125 0.23 34.25 -21.73
C GLU D 125 0.74 35.28 -22.72
N ASP D 126 0.52 35.07 -24.02
CA ASP D 126 0.88 36.07 -25.02
C ASP D 126 0.23 37.41 -24.70
N LEU D 127 -1.09 37.38 -24.44
CA LEU D 127 -1.81 38.61 -24.11
C LEU D 127 -1.21 39.30 -22.89
N SER D 128 -0.88 38.53 -21.86
CA SER D 128 -0.47 39.10 -20.59
C SER D 128 0.91 39.75 -20.65
N LYS D 129 1.75 39.39 -21.62
CA LYS D 129 3.12 39.88 -21.67
C LYS D 129 3.31 41.04 -22.63
N GLN D 130 2.22 41.62 -23.12
CA GLN D 130 2.29 42.72 -24.08
C GLN D 130 1.20 43.73 -23.76
N THR D 131 1.27 44.87 -24.44
CA THR D 131 0.33 45.95 -24.22
C THR D 131 -0.24 46.56 -25.50
N GLU D 132 0.33 46.28 -26.68
CA GLU D 132 -0.18 46.87 -27.91
C GLU D 132 -1.62 46.43 -28.17
N ILE D 133 -1.94 45.18 -27.84
CA ILE D 133 -3.26 44.61 -28.10
C ILE D 133 -4.06 44.61 -26.81
N ALA D 134 -5.15 45.37 -26.79
CA ALA D 134 -6.04 45.38 -25.64
C ALA D 134 -6.90 44.12 -25.64
N TYR D 135 -7.47 43.81 -24.48
CA TYR D 135 -8.34 42.64 -24.39
C TYR D 135 -9.24 42.78 -23.18
N GLY D 136 -10.41 42.16 -23.27
CA GLY D 136 -11.39 42.26 -22.20
C GLY D 136 -12.39 41.13 -22.25
N THR D 137 -13.44 41.29 -21.44
CA THR D 137 -14.45 40.26 -21.25
C THR D 137 -15.83 40.91 -21.25
N LEU D 138 -16.85 40.06 -21.21
CA LEU D 138 -18.21 40.53 -20.99
C LEU D 138 -18.34 41.08 -19.58
N ASP D 139 -19.11 42.16 -19.43
CA ASP D 139 -19.47 42.68 -18.11
C ASP D 139 -20.56 41.82 -17.47
N SER D 140 -20.55 41.76 -16.14
CA SER D 140 -21.64 41.17 -15.36
C SER D 140 -21.80 39.68 -15.58
N GLY D 141 -20.70 38.96 -15.85
CA GLY D 141 -20.75 37.54 -16.14
C GLY D 141 -19.63 36.77 -15.45
N SER D 142 -19.63 35.46 -15.68
CA SER D 142 -18.72 34.56 -14.99
C SER D 142 -17.28 34.70 -15.46
N THR D 143 -17.06 35.11 -16.72
CA THR D 143 -15.70 35.26 -17.20
C THR D 143 -15.00 36.40 -16.47
N LYS D 144 -15.66 37.54 -16.34
CA LYS D 144 -15.07 38.66 -15.59
C LYS D 144 -14.77 38.26 -14.15
N GLU D 145 -15.72 37.60 -13.50
CA GLU D 145 -15.52 37.15 -12.12
C GLU D 145 -14.36 36.16 -12.03
N PHE D 146 -14.18 35.33 -13.06
CA PHE D 146 -13.05 34.40 -13.06
C PHE D 146 -11.73 35.14 -12.90
N PHE D 147 -11.51 36.17 -13.72
CA PHE D 147 -10.26 36.93 -13.64
C PHE D 147 -10.19 37.74 -12.35
N ARG D 148 -11.31 38.30 -11.90
CA ARG D 148 -11.30 39.08 -10.67
C ARG D 148 -10.82 38.25 -9.49
N ARG D 149 -11.14 36.96 -9.46
CA ARG D 149 -10.87 36.11 -8.32
C ARG D 149 -9.66 35.22 -8.50
N SER D 150 -9.08 35.15 -9.69
CA SER D 150 -7.95 34.26 -9.92
C SER D 150 -6.75 34.67 -9.10
N LYS D 151 -6.10 33.69 -8.47
CA LYS D 151 -4.80 33.89 -7.84
C LYS D 151 -3.70 33.22 -8.65
N ILE D 152 -3.95 32.97 -9.92
CA ILE D 152 -2.97 32.41 -10.84
C ILE D 152 -2.25 33.56 -11.54
N ALA D 153 -0.92 33.50 -11.60
CA ALA D 153 -0.12 34.66 -11.97
C ALA D 153 -0.54 35.27 -13.30
N VAL D 154 -0.67 34.44 -14.35
CA VAL D 154 -0.98 35.00 -15.68
C VAL D 154 -2.35 35.65 -15.68
N PHE D 155 -3.33 35.03 -15.04
CA PHE D 155 -4.68 35.57 -15.06
C PHE D 155 -4.83 36.78 -14.15
N ASP D 156 -4.17 36.75 -12.98
CA ASP D 156 -4.15 37.93 -12.13
C ASP D 156 -3.46 39.09 -12.82
N LYS D 157 -2.40 38.80 -13.59
CA LYS D 157 -1.76 39.87 -14.36
C LYS D 157 -2.73 40.43 -15.38
N MET D 158 -3.49 39.56 -16.04
CA MET D 158 -4.49 40.03 -16.99
C MET D 158 -5.56 40.85 -16.29
N TRP D 159 -6.02 40.40 -15.12
CA TRP D 159 -7.03 41.15 -14.40
C TRP D 159 -6.51 42.53 -14.00
N THR D 160 -5.29 42.59 -13.45
CA THR D 160 -4.73 43.87 -13.02
C THR D 160 -4.70 44.85 -14.18
N TYR D 161 -4.40 44.38 -15.39
CA TYR D 161 -4.46 45.23 -16.56
C TYR D 161 -5.90 45.57 -16.91
N MET D 162 -6.76 44.56 -17.01
CA MET D 162 -8.11 44.77 -17.54
C MET D 162 -8.92 45.71 -16.65
N ARG D 163 -8.81 45.58 -15.34
CA ARG D 163 -9.66 46.37 -14.45
C ARG D 163 -9.38 47.87 -14.59
N SER D 164 -8.16 48.25 -14.94
CA SER D 164 -7.79 49.66 -15.05
C SER D 164 -7.48 50.10 -16.47
N ALA D 165 -7.66 49.23 -17.47
CA ALA D 165 -7.35 49.60 -18.85
C ALA D 165 -8.28 50.71 -19.34
N GLU D 166 -7.74 51.62 -20.14
CA GLU D 166 -8.51 52.72 -20.70
C GLU D 166 -8.27 52.84 -22.21
N PRO D 167 -9.35 52.96 -23.01
CA PRO D 167 -10.77 52.88 -22.63
C PRO D 167 -11.17 51.51 -22.13
N SER D 168 -12.34 51.40 -21.50
CA SER D 168 -12.76 50.15 -20.88
C SER D 168 -12.68 49.01 -21.89
N VAL D 169 -12.12 47.88 -21.43
CA VAL D 169 -12.10 46.66 -22.24
C VAL D 169 -13.30 45.76 -21.99
N PHE D 170 -14.16 46.10 -21.05
CA PHE D 170 -15.32 45.27 -20.77
C PHE D 170 -16.49 45.72 -21.64
N VAL D 171 -17.28 44.75 -22.12
CA VAL D 171 -18.32 45.03 -23.10
C VAL D 171 -19.69 44.64 -22.56
N ARG D 172 -20.71 45.26 -23.14
CA ARG D 172 -22.07 45.13 -22.64
C ARG D 172 -22.70 43.82 -23.07
N THR D 173 -22.34 43.32 -24.26
CA THR D 173 -22.91 42.11 -24.80
C THR D 173 -21.84 41.39 -25.58
N THR D 174 -22.05 40.08 -25.80
CA THR D 174 -21.12 39.32 -26.63
C THR D 174 -20.99 39.95 -28.00
N ALA D 175 -22.10 40.46 -28.56
CA ALA D 175 -22.07 41.08 -29.87
C ALA D 175 -21.14 42.30 -29.89
N GLU D 176 -21.11 43.07 -28.81
CA GLU D 176 -20.22 44.24 -28.78
C GLU D 176 -18.76 43.79 -28.75
N GLY D 177 -18.45 42.76 -27.96
CA GLY D 177 -17.09 42.26 -27.94
C GLY D 177 -16.64 41.77 -29.31
N VAL D 178 -17.48 40.98 -29.96
CA VAL D 178 -17.15 40.46 -31.29
C VAL D 178 -16.97 41.61 -32.27
N ALA D 179 -17.91 42.57 -32.26
CA ALA D 179 -17.80 43.71 -33.16
C ALA D 179 -16.51 44.48 -32.90
N ARG D 180 -16.12 44.62 -31.64
CA ARG D 180 -14.91 45.35 -31.31
C ARG D 180 -13.67 44.63 -31.85
N VAL D 181 -13.66 43.30 -31.76
CA VAL D 181 -12.58 42.54 -32.38
C VAL D 181 -12.51 42.82 -33.88
N ARG D 182 -13.66 42.73 -34.55
CA ARG D 182 -13.68 42.82 -36.00
C ARG D 182 -13.34 44.22 -36.49
N LYS D 183 -13.59 45.24 -35.68
CA LYS D 183 -13.42 46.59 -36.15
C LYS D 183 -12.18 47.28 -35.58
N SER D 184 -11.46 46.65 -34.65
CA SER D 184 -10.29 47.26 -34.04
C SER D 184 -8.99 46.89 -34.75
N LYS D 185 -9.07 46.35 -35.96
CA LYS D 185 -7.89 46.18 -36.83
C LYS D 185 -6.80 45.37 -36.13
N GLY D 186 -7.19 44.40 -35.31
CA GLY D 186 -6.25 43.54 -34.64
C GLY D 186 -5.72 44.03 -33.31
N LYS D 187 -6.23 45.15 -32.81
CA LYS D 187 -5.78 45.72 -31.55
C LYS D 187 -6.72 45.42 -30.38
N TYR D 188 -7.71 44.55 -30.58
CA TYR D 188 -8.55 44.10 -29.49
C TYR D 188 -8.77 42.60 -29.63
N ALA D 189 -8.58 41.88 -28.53
CA ALA D 189 -8.87 40.45 -28.42
C ALA D 189 -9.93 40.27 -27.36
N TYR D 190 -10.83 39.31 -27.58
CA TYR D 190 -11.99 39.13 -26.72
C TYR D 190 -11.93 37.77 -26.04
N LEU D 191 -12.08 37.78 -24.72
CA LEU D 191 -12.14 36.57 -23.92
C LEU D 191 -13.59 36.18 -23.71
N LEU D 192 -13.97 35.01 -24.22
CA LEU D 192 -15.35 34.56 -24.15
C LEU D 192 -15.37 33.04 -24.08
N GLU D 193 -16.55 32.50 -23.83
CA GLU D 193 -16.68 31.07 -23.60
C GLU D 193 -16.56 30.31 -24.92
N SER D 194 -15.91 29.14 -24.82
CA SER D 194 -15.52 28.37 -26.00
C SER D 194 -16.70 28.03 -26.90
N THR D 195 -17.86 27.76 -26.29
CA THR D 195 -19.08 27.47 -27.02
C THR D 195 -19.45 28.62 -27.96
N MET D 196 -19.55 29.82 -27.42
CA MET D 196 -19.92 30.98 -28.24
CA MET D 196 -19.92 30.97 -28.24
C MET D 196 -18.84 31.28 -29.27
N ASN D 197 -17.58 31.16 -28.87
CA ASN D 197 -16.46 31.37 -29.79
C ASN D 197 -16.56 30.46 -31.00
N GLU D 198 -16.75 29.15 -30.78
CA GLU D 198 -16.73 28.22 -31.88
C GLU D 198 -17.89 28.44 -32.84
N TYR D 199 -19.05 28.84 -32.32
CA TYR D 199 -20.16 29.16 -33.21
C TYR D 199 -19.80 30.30 -34.15
N ILE D 200 -19.22 31.38 -33.60
CA ILE D 200 -18.91 32.56 -34.40
C ILE D 200 -17.79 32.27 -35.39
N GLU D 201 -16.80 31.47 -34.97
CA GLU D 201 -15.64 31.22 -35.83
CA GLU D 201 -15.64 31.21 -35.81
C GLU D 201 -16.03 30.49 -37.10
N GLN D 202 -17.10 29.71 -37.07
CA GLN D 202 -17.51 28.89 -38.20
C GLN D 202 -18.35 29.63 -39.23
N ARG D 203 -18.67 30.91 -38.99
CA ARG D 203 -19.66 31.63 -39.78
C ARG D 203 -19.05 32.88 -40.39
N LYS D 204 -19.65 33.30 -41.50
CA LYS D 204 -19.27 34.53 -42.17
C LYS D 204 -19.34 35.67 -41.14
N PRO D 205 -18.47 36.69 -41.28
CA PRO D 205 -17.51 36.90 -42.38
C PRO D 205 -16.14 36.22 -42.21
N CYS D 206 -16.04 35.21 -41.36
CA CYS D 206 -14.83 34.37 -41.30
C CYS D 206 -13.56 35.20 -41.10
N ASP D 207 -13.62 36.19 -40.21
CA ASP D 207 -12.48 37.08 -40.02
C ASP D 207 -11.89 37.00 -38.62
N THR D 208 -12.31 36.02 -37.83
CA THR D 208 -11.77 35.79 -36.50
C THR D 208 -11.16 34.40 -36.41
N MET D 209 -10.41 34.18 -35.33
CA MET D 209 -9.85 32.87 -35.02
C MET D 209 -9.88 32.66 -33.52
N LYS D 210 -10.05 31.42 -33.13
CA LYS D 210 -9.97 31.01 -31.73
C LYS D 210 -8.59 30.41 -31.52
N VAL D 211 -7.86 30.94 -30.53
CA VAL D 211 -6.49 30.49 -30.29
C VAL D 211 -6.31 30.02 -28.85
N GLY D 212 -5.44 29.02 -28.70
CA GLY D 212 -5.08 28.50 -27.40
C GLY D 212 -6.09 27.51 -26.85
N GLY D 213 -5.68 26.82 -25.78
CA GLY D 213 -6.59 25.95 -25.06
C GLY D 213 -7.54 26.73 -24.16
N ASN D 214 -8.57 26.04 -23.69
CA ASN D 214 -9.49 26.69 -22.76
C ASN D 214 -8.80 26.96 -21.44
N LEU D 215 -9.18 28.05 -20.81
CA LEU D 215 -8.52 28.51 -19.59
C LEU D 215 -9.05 27.86 -18.34
N ASP D 216 -10.29 27.34 -18.38
CA ASP D 216 -10.86 26.63 -17.24
C ASP D 216 -11.86 25.61 -17.76
N SER D 217 -12.52 24.92 -16.85
CA SER D 217 -13.51 23.90 -17.20
C SER D 217 -14.73 24.04 -16.31
N LYS D 218 -15.89 24.27 -16.91
CA LYS D 218 -17.11 24.38 -16.12
C LYS D 218 -18.30 24.06 -17.04
N GLY D 219 -19.49 24.48 -16.62
CA GLY D 219 -20.67 24.14 -17.39
C GLY D 219 -21.83 25.09 -17.15
N TYR D 220 -22.80 24.98 -18.05
CA TYR D 220 -24.07 25.68 -17.93
C TYR D 220 -25.07 24.78 -17.24
N GLY D 221 -25.91 25.37 -16.40
CA GLY D 221 -27.00 24.64 -15.77
C GLY D 221 -28.31 25.38 -15.90
N ILE D 222 -29.40 24.61 -15.89
CA ILE D 222 -30.73 25.20 -15.80
CA ILE D 222 -30.74 25.17 -15.79
C ILE D 222 -30.95 25.64 -14.36
N ALA D 223 -31.41 26.88 -14.19
CA ALA D 223 -31.51 27.48 -12.87
C ALA D 223 -32.97 27.72 -12.49
N THR D 224 -33.24 27.51 -11.21
CA THR D 224 -34.55 27.74 -10.64
C THR D 224 -34.36 28.47 -9.32
N PRO D 225 -35.41 29.14 -8.83
CA PRO D 225 -35.30 29.74 -7.49
C PRO D 225 -35.09 28.66 -6.45
N LYS D 226 -34.38 29.03 -5.39
CA LYS D 226 -34.07 28.07 -4.34
C LYS D 226 -35.33 27.43 -3.81
N GLY D 227 -35.34 26.11 -3.76
CA GLY D 227 -36.49 25.39 -3.25
C GLY D 227 -37.64 25.23 -4.22
N SER D 228 -37.46 25.63 -5.48
CA SER D 228 -38.54 25.50 -6.44
C SER D 228 -38.98 24.05 -6.58
N SER D 229 -40.29 23.85 -6.70
CA SER D 229 -40.82 22.52 -6.95
C SER D 229 -40.48 21.98 -8.33
N LEU D 230 -40.03 22.84 -9.25
CA LEU D 230 -39.61 22.39 -10.57
C LEU D 230 -38.21 21.78 -10.59
N GLY D 231 -37.41 22.03 -9.57
CA GLY D 231 -35.98 21.74 -9.68
C GLY D 231 -35.67 20.26 -9.86
N ASN D 232 -36.32 19.41 -9.07
CA ASN D 232 -36.02 17.98 -9.13
CA ASN D 232 -36.01 17.99 -9.14
C ASN D 232 -36.35 17.41 -10.51
N ALA D 233 -37.54 17.73 -11.03
CA ALA D 233 -37.94 17.18 -12.32
C ALA D 233 -37.05 17.70 -13.44
N VAL D 234 -36.69 18.98 -13.39
CA VAL D 234 -35.86 19.56 -14.45
C VAL D 234 -34.48 18.91 -14.45
N ASN D 235 -33.92 18.67 -13.27
CA ASN D 235 -32.61 18.04 -13.17
C ASN D 235 -32.64 16.63 -13.75
N LEU D 236 -33.64 15.84 -13.38
CA LEU D 236 -33.77 14.51 -13.97
C LEU D 236 -33.93 14.58 -15.48
N ALA D 237 -34.65 15.59 -15.99
CA ALA D 237 -34.83 15.70 -17.42
C ALA D 237 -33.50 15.95 -18.12
N VAL D 238 -32.65 16.81 -17.54
CA VAL D 238 -31.33 17.06 -18.12
C VAL D 238 -30.54 15.76 -18.22
N LEU D 239 -30.54 14.96 -17.15
CA LEU D 239 -29.77 13.72 -17.15
C LEU D 239 -30.34 12.72 -18.14
N LYS D 240 -31.67 12.63 -18.24
CA LYS D 240 -32.28 11.73 -19.22
C LYS D 240 -31.90 12.13 -20.64
N LEU D 241 -32.00 13.42 -20.96
CA LEU D 241 -31.61 13.89 -22.28
C LEU D 241 -30.14 13.63 -22.54
N SER D 242 -29.31 13.84 -21.53
CA SER D 242 -27.88 13.53 -21.66
C SER D 242 -27.67 12.05 -22.00
N GLU D 243 -28.28 11.16 -21.22
CA GLU D 243 -28.03 9.74 -21.40
C GLU D 243 -28.62 9.21 -22.70
N GLN D 244 -29.67 9.84 -23.23
CA GLN D 244 -30.23 9.48 -24.53
C GLN D 244 -29.40 10.00 -25.69
N GLY D 245 -28.39 10.82 -25.42
CA GLY D 245 -27.58 11.41 -26.48
C GLY D 245 -28.20 12.64 -27.12
N LEU D 246 -29.27 13.17 -26.55
CA LEU D 246 -29.98 14.27 -27.19
C LEU D 246 -29.31 15.62 -26.96
N LEU D 247 -28.59 15.81 -25.85
CA LEU D 247 -27.82 17.04 -25.69
C LEU D 247 -26.69 17.10 -26.72
N ASP D 248 -26.05 15.96 -26.99
CA ASP D 248 -25.04 15.91 -28.04
C ASP D 248 -25.66 16.20 -29.40
N LYS D 249 -26.79 15.58 -29.69
CA LYS D 249 -27.46 15.83 -30.96
C LYS D 249 -27.80 17.30 -31.11
N LEU D 250 -28.29 17.93 -30.03
CA LEU D 250 -28.68 19.34 -30.11
CA LEU D 250 -28.68 19.33 -30.10
C LEU D 250 -27.46 20.22 -30.30
N LYS D 251 -26.35 19.91 -29.63
CA LYS D 251 -25.12 20.66 -29.84
C LYS D 251 -24.68 20.54 -31.30
N ASN D 252 -24.69 19.32 -31.83
CA ASN D 252 -24.23 19.11 -33.20
C ASN D 252 -25.11 19.83 -34.20
N LYS D 253 -26.38 20.05 -33.84
CA LYS D 253 -27.31 20.70 -34.73
C LYS D 253 -27.03 22.20 -34.80
N TRP D 254 -26.87 22.84 -33.65
CA TRP D 254 -26.74 24.28 -33.61
C TRP D 254 -25.30 24.74 -33.80
N TRP D 255 -24.32 23.85 -33.63
CA TRP D 255 -22.94 24.12 -34.00
C TRP D 255 -22.58 23.43 -35.32
N TYR D 256 -23.59 23.03 -36.10
CA TYR D 256 -23.33 22.39 -37.40
C TYR D 256 -22.51 23.31 -38.29
N ASP D 257 -21.48 22.75 -38.90
CA ASP D 257 -20.56 23.50 -39.76
C ASP D 257 -20.95 23.26 -41.21
N LYS D 258 -21.58 24.25 -41.83
CA LYS D 258 -21.91 24.17 -43.25
C LYS D 258 -20.72 24.54 -44.14
N GLY D 259 -19.55 24.77 -43.55
CA GLY D 259 -18.36 25.04 -44.34
C GLY D 259 -18.29 26.44 -44.91
N GLU D 260 -18.86 27.44 -44.22
CA GLU D 260 -18.79 28.80 -44.74
C GLU D 260 -17.38 29.37 -44.62
N CYS D 261 -16.57 28.78 -43.75
CA CYS D 261 -15.22 29.29 -43.52
C CYS D 261 -14.19 28.21 -43.80
S SO4 E . 35.69 -2.30 25.44
O1 SO4 E . 36.96 -2.47 24.73
O2 SO4 E . 35.73 -3.02 26.71
O3 SO4 E . 35.45 -0.89 25.73
O4 SO4 E . 34.62 -2.82 24.59
S SO4 F . 20.52 -9.09 51.41
O1 SO4 F . 21.25 -10.15 50.73
O2 SO4 F . 20.71 -9.22 52.86
O3 SO4 F . 21.00 -7.78 50.98
O4 SO4 F . 19.10 -9.21 51.10
S SO4 G . 22.42 -38.01 7.58
O1 SO4 G . 23.85 -37.75 7.70
O2 SO4 G . 21.78 -37.82 8.89
O3 SO4 G . 21.84 -37.09 6.62
O4 SO4 G . 22.21 -39.39 7.14
S SO4 H . 32.69 5.99 23.33
O1 SO4 H . 32.71 5.12 22.17
O2 SO4 H . 33.43 5.36 24.42
O3 SO4 H . 31.30 6.22 23.74
O4 SO4 H . 33.31 7.27 23.01
C1 7M6 I . 19.31 -21.61 14.35
C2 7M6 I . 19.17 -22.12 15.67
N1 7M6 I . 19.70 -23.39 16.05
C3 7M6 I . 20.49 -24.24 15.15
N2 7M6 I . 21.20 -23.45 14.17
S1 7M6 I . 20.19 -22.55 13.15
C4 7M6 I . 18.79 -20.37 13.97
C5 7M6 I . 18.08 -19.59 14.88
C6 7M6 I . 17.92 -20.06 16.19
C7 7M6 I . 18.45 -21.31 16.57
CL1 7M6 I . 17.46 -18.07 14.40
O1 7M6 I . 19.19 -23.43 12.51
O2 7M6 I . 21.03 -21.65 12.36
C8 7M6 I . 19.46 -23.92 17.39
C9 7M6 I . 20.61 -23.59 18.36
F1 7M6 I . 20.68 -22.28 18.65
CL CL J . 49.84 -32.73 17.30
CL CL K . 38.14 -36.71 37.71
CL CL L . 13.69 -4.22 28.75
C1 GOL M . 27.96 -34.09 34.95
O1 GOL M . 28.54 -33.17 35.84
C2 GOL M . 28.76 -34.16 33.65
O2 GOL M . 28.45 -35.37 33.00
C3 GOL M . 30.27 -34.07 33.89
O3 GOL M . 30.90 -33.65 32.70
N GLU N . 29.08 -13.50 24.55
CA GLU N . 29.65 -12.12 24.65
C GLU N . 30.71 -11.93 23.59
O GLU N . 30.91 -12.82 22.76
CB GLU N . 30.24 -11.88 26.04
CG GLU N . 29.19 -11.57 27.12
CD GLU N . 28.63 -10.15 27.02
OE1 GLU N . 27.61 -9.86 27.70
OE2 GLU N . 29.19 -9.33 26.28
OXT GLU N . 31.36 -10.88 23.54
C1 GOL O . 44.78 -24.89 37.84
O1 GOL O . 45.32 -25.83 38.74
C2 GOL O . 44.88 -25.45 36.42
O2 GOL O . 43.90 -24.84 35.59
C3 GOL O . 46.27 -25.21 35.85
O3 GOL O . 46.61 -26.25 34.96
C1 EDO P . 27.69 -33.82 10.33
O1 EDO P . 28.48 -33.52 9.17
C2 EDO P . 28.54 -34.58 11.35
O2 EDO P . 28.16 -35.97 11.33
S SO4 Q . 7.96 -34.89 1.12
O1 SO4 Q . 7.48 -36.25 1.36
O2 SO4 Q . 8.80 -34.47 2.24
O3 SO4 Q . 6.82 -33.99 0.97
O4 SO4 Q . 8.76 -34.85 -0.10
S SO4 R . 9.16 -42.71 4.87
O1 SO4 R . 9.50 -43.97 4.18
O2 SO4 R . 9.07 -42.97 6.30
O3 SO4 R . 7.87 -42.23 4.37
O4 SO4 R . 10.19 -41.72 4.60
C1 7M6 S . 21.02 -14.91 15.16
C2 7M6 S . 19.79 -14.22 15.15
N1 7M6 S . 19.60 -13.01 14.43
C3 7M6 S . 20.66 -12.36 13.67
N2 7M6 S . 21.55 -13.34 13.11
S1 7M6 S . 22.40 -14.26 14.26
C4 7M6 S . 21.22 -16.10 15.89
C5 7M6 S . 20.16 -16.63 16.62
C6 7M6 S . 18.91 -15.98 16.62
C7 7M6 S . 18.73 -14.79 15.90
CL1 7M6 S . 20.39 -18.08 17.50
O1 7M6 S . 23.17 -13.41 15.15
O2 7M6 S . 23.08 -15.29 13.46
C8 7M6 S . 18.32 -12.30 14.51
C9 7M6 S . 17.38 -12.73 13.37
F1 7M6 S . 16.81 -13.89 13.66
CL CL T . -6.81 -7.39 -5.59
C1 GOL U . -4.64 -2.69 5.77
O1 GOL U . -4.18 -3.98 6.12
C2 GOL U . -6.16 -2.57 5.90
O2 GOL U . -6.77 -3.02 4.73
C3 GOL U . -6.73 -3.32 7.11
O3 GOL U . -6.68 -2.52 8.27
N GLU V . 9.86 -22.95 6.29
CA GLU V . 9.66 -24.33 5.88
C GLU V . 10.71 -24.77 4.87
O GLU V . 10.66 -25.89 4.37
CB GLU V . 8.27 -24.52 5.27
CG GLU V . 7.13 -24.57 6.29
CD GLU V . 7.07 -25.89 7.06
OE1 GLU V . 7.71 -26.89 6.64
OE2 GLU V . 6.37 -25.91 8.09
OXT GLU V . 11.65 -24.04 4.56
S SO4 W . -24.75 -5.36 -13.73
O1 SO4 W . -23.37 -5.79 -13.46
O2 SO4 W . -25.55 -5.52 -12.54
O3 SO4 W . -24.78 -3.96 -14.14
O4 SO4 W . -25.27 -6.21 -14.83
S SO4 X . 0.95 -12.26 -12.66
O1 SO4 X . 1.23 -13.69 -12.69
O2 SO4 X . 1.25 -11.73 -11.33
O3 SO4 X . 1.77 -11.59 -13.67
O4 SO4 X . -0.47 -12.03 -12.98
S SO4 Y . 3.62 -8.74 -24.90
O1 SO4 Y . 4.91 -9.41 -24.75
O2 SO4 Y . 3.25 -8.13 -23.63
O3 SO4 Y . 3.73 -7.71 -25.93
O4 SO4 Y . 2.61 -9.73 -25.30
S SO4 Z . -30.28 -7.25 -21.40
O1 SO4 Z . -29.05 -8.02 -21.59
O2 SO4 Z . -30.41 -6.89 -20.00
O3 SO4 Z . -30.26 -6.04 -22.23
O4 SO4 Z . -31.42 -8.07 -21.81
S SO4 AA . -10.64 13.44 -21.99
O1 SO4 AA . -9.59 13.57 -20.98
O2 SO4 AA . -10.66 12.10 -22.54
O3 SO4 AA . -10.40 14.40 -23.07
O4 SO4 AA . -11.93 13.74 -21.37
S SO4 BA . -12.33 18.83 -15.39
O1 SO4 BA . -12.27 17.45 -14.86
O2 SO4 BA . -11.95 19.78 -14.34
O3 SO4 BA . -11.40 18.96 -16.52
O4 SO4 BA . -13.66 19.17 -15.86
C1 7M6 CA . -18.74 21.59 -13.96
C2 7M6 CA . -17.37 21.20 -13.95
N1 7M6 CA . -16.53 21.41 -12.83
C3 7M6 CA . -16.99 22.07 -11.61
N2 7M6 CA . -18.38 21.74 -11.36
S1 7M6 CA . -19.45 22.34 -12.51
C4 7M6 CA . -19.57 21.39 -15.07
C5 7M6 CA . -19.04 20.79 -16.22
C6 7M6 CA . -17.70 20.39 -16.25
C7 7M6 CA . -16.87 20.61 -15.13
CL1 7M6 CA . -20.05 20.55 -17.57
O1 7M6 CA . -19.29 23.80 -12.61
O2 7M6 CA . -20.75 21.76 -12.19
C8 7M6 CA . -15.10 21.03 -12.90
C9 7M6 CA . -14.83 19.58 -12.45
F1 7M6 CA . -15.47 18.66 -13.20
CL CL DA . -18.69 10.03 16.61
C1 CIT EA . -35.07 0.19 -25.03
O1 CIT EA . -35.95 0.51 -24.18
O2 CIT EA . -34.54 1.07 -25.73
C2 CIT EA . -34.67 -1.26 -25.19
C3 CIT EA . -33.27 -1.52 -24.63
O7 CIT EA . -33.01 -2.94 -24.83
C4 CIT EA . -32.16 -0.69 -25.27
C5 CIT EA . -32.22 -0.72 -26.80
O3 CIT EA . -31.39 -1.40 -27.43
O4 CIT EA . -33.07 -0.05 -27.43
C6 CIT EA . -33.23 -1.24 -23.13
O5 CIT EA . -33.18 -2.18 -22.31
O6 CIT EA . -33.24 -0.06 -22.70
C1 GOL FA . -31.51 -4.66 -26.59
O1 GOL FA . -30.28 -4.08 -26.19
C2 GOL FA . -31.28 -5.87 -27.47
O2 GOL FA . -31.13 -5.48 -28.81
C3 GOL FA . -30.05 -6.66 -26.98
O3 GOL FA . -29.70 -7.64 -27.93
C1 PEG GA . -9.63 1.42 12.01
O1 PEG GA . -8.46 0.92 11.34
C2 PEG GA . -10.90 0.92 11.33
O2 PEG GA . -10.99 -0.50 11.32
C3 PEG GA . -12.09 -0.92 10.52
C4 PEG GA . -11.58 -1.23 9.13
O4 PEG GA . -12.64 -1.31 8.18
N GLU HA . -17.52 5.33 -12.34
CA GLU HA . -18.34 4.17 -12.69
C GLU HA . -19.60 4.10 -11.84
O GLU HA . -19.81 5.02 -11.03
CB GLU HA . -17.53 2.88 -12.54
CG GLU HA . -16.55 2.65 -13.69
CD GLU HA . -17.21 2.18 -14.98
OE1 GLU HA . -16.50 2.15 -16.02
OE2 GLU HA . -18.41 1.81 -14.95
OXT GLU HA . -20.40 3.17 -11.97
S SO4 IA . -40.80 41.75 -30.06
O1 SO4 IA . -40.14 42.52 -29.02
O2 SO4 IA . -40.12 40.47 -30.24
O3 SO4 IA . -40.76 42.49 -31.32
O4 SO4 IA . -42.20 41.51 -29.67
S SO4 JA . -19.57 43.16 -12.68
O1 SO4 JA . -18.43 44.00 -12.29
O2 SO4 JA . -19.17 41.75 -12.61
O3 SO4 JA . -20.69 43.40 -11.78
O4 SO4 JA . -19.97 43.48 -14.05
S SO4 KA . -15.15 23.13 -26.26
O1 SO4 KA . -13.92 23.91 -26.28
O2 SO4 KA . -15.06 22.12 -25.21
O3 SO4 KA . -15.33 22.48 -27.55
O4 SO4 KA . -16.29 24.01 -25.99
S SO4 LA . -11.68 44.63 -7.85
O1 SO4 LA . -10.53 43.82 -8.23
O2 SO4 LA . -11.30 45.54 -6.78
O3 SO4 LA . -12.77 43.76 -7.39
O4 SO4 LA . -12.15 45.41 -9.00
C1 7M6 MA . -22.03 16.12 -16.61
C2 7M6 MA . -22.09 16.45 -18.00
N1 7M6 MA . -23.26 16.24 -18.79
C3 7M6 MA . -24.48 15.66 -18.26
N2 7M6 MA . -24.63 16.00 -16.87
S1 7M6 MA . -23.45 15.45 -15.78
C4 7M6 MA . -20.86 16.31 -15.86
C5 7M6 MA . -19.73 16.83 -16.48
C6 7M6 MA . -19.76 17.17 -17.84
C7 7M6 MA . -20.92 16.97 -18.60
CL1 7M6 MA . -18.32 17.07 -15.55
O1 7M6 MA . -23.30 13.99 -15.71
O2 7M6 MA . -23.72 16.16 -14.53
C8 7M6 MA . -23.26 16.53 -20.23
C9 7M6 MA . -23.66 17.98 -20.52
F1 7M6 MA . -22.66 18.80 -20.21
CL CL NA . -37.78 12.67 -17.38
CL CL OA . -35.91 38.97 -39.95
N GLU PA . -22.14 32.30 -19.41
CA GLU PA . -21.62 33.47 -18.72
C GLU PA . -22.38 33.73 -17.43
O GLU PA . -22.08 34.69 -16.71
CB GLU PA . -21.70 34.70 -19.62
CG GLU PA . -20.59 34.75 -20.68
CD GLU PA . -19.25 35.16 -20.13
OE1 GLU PA . -19.18 35.64 -18.97
OE2 GLU PA . -18.25 35.02 -20.87
OXT GLU PA . -23.28 32.95 -17.07
#